data_4KXT
#
_entry.id   4KXT
#
_cell.length_a   69.879
_cell.length_b   100.249
_cell.length_c   136.701
_cell.angle_alpha   90.00
_cell.angle_beta   90.00
_cell.angle_gamma   90.00
#
_symmetry.space_group_name_H-M   'P 21 21 21'
#
loop_
_entity.id
_entity.type
_entity.pdbx_description
1 polymer 'Protein argonaute-1'
2 polymer RNA
3 water water
#
loop_
_entity_poly.entity_id
_entity_poly.type
_entity_poly.pdbx_seq_one_letter_code
_entity_poly.pdbx_strand_id
1 'polypeptide(L)'
;GAMGSMEAGPSGAAAGAYLPPLQQVFQAPRRPGIGTVGKPIKLLANYFEVDIPKIDVYHYEVDIKPDKCPRRVNREVVEY
MVQHFKPQIFGDRKPVYDGKKNIYTVTALPIGNERVDFEVTIPGEGKDRIFKVSIKWLAIVSWRMLHEALVSGQIPVPLE
SVQALDVAMRHLASMRYTPVGRSFFSPPEGYYHPLGGGREVWFGFHQSVRPAMWKMMLNIDVSATAFYKAQPVIEFMCEV
LDIRNIDEQPKPLTDSQRVRFTKEIKGLKVEVTHCGQMKRKYRVCNVTRRPASHQTFPLQLESGQTVECTVAQYFKQKYN
LQLKYPHLPCLQVGQEQKHTYLPLEVCNIVAGQRCIKKLTDNQTSTMIKATARSAPDRQEEISRLMKNASYNLDPYIQEF
GIKVKDDMTEVTGRVLPAPILQYGGRNRAIATPNQGVWDMRGKQFYNGIEIKVWAIACFAPQKQCREEVLKNFTDQLRKI
SKDAGMPIQGQPCFCKYAQGADSVEPMFRHLKNTYSGLQLIIVILPGKTPVYAEVKRVGDTLLGMATQCVQVKNVVKTSP
QTLSNLCLKINVKLGGINNILVPHQRSAVFQQPVIFLGADVTHPPAGDGKKPSITAVVGSMDAHPSRYCATVRVQRPRQE
IIEDLSYMVRELLIQFYKSTRFKPTRIIFYRDGVPEGQLPQILHYELLAIRDACIKLEKDYQPGITYIVVQKRHHTRLFC
ADKNERIGKSGNIPAGTTVDTNITHPFEFDFYLCSHAGIQGTSRPSHYYVLWDDNRFTADELQILTYQLCHTYVRCTRSV
SIPAPAYYARLVAFRARYHLVDKEHDSGEGSHISGQSNGRDPQALAKAVQVHQDTLRTMYFA
;
A
2 'polyribonucleotide' AAAAAAAAAAUU B
#
loop_
_chem_comp.id
_chem_comp.type
_chem_comp.name
_chem_comp.formula
A RNA linking ADENOSINE-5'-MONOPHOSPHATE 'C10 H14 N5 O7 P'
U RNA linking URIDINE-5'-MONOPHOSPHATE 'C9 H13 N2 O9 P'
#
# COMPACT_ATOMS: atom_id res chain seq x y z
N GLN A 27 -25.55 -2.66 -0.42
CA GLN A 27 -25.77 -4.09 -0.65
C GLN A 27 -25.14 -4.65 -1.95
N ALA A 28 -24.29 -5.67 -1.78
CA ALA A 28 -23.63 -6.35 -2.89
C ALA A 28 -24.38 -7.64 -3.32
N PRO A 29 -24.02 -8.23 -4.48
CA PRO A 29 -24.71 -9.48 -4.84
C PRO A 29 -24.42 -10.64 -3.86
N ARG A 30 -25.43 -11.48 -3.72
CA ARG A 30 -25.39 -12.65 -2.89
C ARG A 30 -24.41 -13.65 -3.44
N ARG A 31 -23.70 -14.36 -2.57
CA ARG A 31 -22.91 -15.50 -2.98
C ARG A 31 -23.80 -16.51 -3.72
N PRO A 32 -23.45 -16.86 -4.97
CA PRO A 32 -24.27 -17.76 -5.80
C PRO A 32 -24.11 -19.23 -5.43
N GLY A 33 -23.07 -19.55 -4.68
CA GLY A 33 -22.76 -20.95 -4.35
C GLY A 33 -21.28 -21.04 -3.98
N ILE A 34 -20.81 -22.21 -3.56
CA ILE A 34 -19.39 -22.37 -3.27
C ILE A 34 -18.70 -23.17 -4.37
N GLY A 35 -17.39 -22.98 -4.49
CA GLY A 35 -16.62 -23.63 -5.53
C GLY A 35 -16.39 -25.11 -5.31
N THR A 36 -16.24 -25.85 -6.40
CA THR A 36 -16.07 -27.30 -6.37
C THR A 36 -14.79 -27.77 -7.07
N VAL A 37 -14.07 -26.84 -7.71
CA VAL A 37 -12.90 -27.24 -8.49
C VAL A 37 -11.64 -27.34 -7.63
N GLY A 38 -10.79 -28.32 -7.93
CA GLY A 38 -9.48 -28.40 -7.33
C GLY A 38 -9.33 -29.42 -6.23
N LYS A 39 -8.15 -29.47 -5.61
CA LYS A 39 -7.96 -30.47 -4.57
C LYS A 39 -8.09 -29.86 -3.18
N PRO A 40 -8.97 -30.45 -2.35
CA PRO A 40 -9.18 -29.92 -1.00
C PRO A 40 -7.87 -29.90 -0.21
N ILE A 41 -7.72 -28.90 0.65
CA ILE A 41 -6.55 -28.82 1.49
C ILE A 41 -6.95 -28.27 2.85
N LYS A 42 -6.48 -28.90 3.92
CA LYS A 42 -6.84 -28.47 5.26
C LYS A 42 -5.95 -27.33 5.74
N LEU A 43 -6.58 -26.26 6.22
CA LEU A 43 -5.88 -25.02 6.54
C LEU A 43 -6.25 -24.55 7.93
N LEU A 44 -5.44 -23.64 8.47
CA LEU A 44 -5.77 -22.94 9.71
C LEU A 44 -5.73 -21.44 9.44
N ALA A 45 -6.67 -20.70 10.03
CA ALA A 45 -6.73 -19.26 9.77
C ALA A 45 -6.60 -18.51 11.08
N ASN A 46 -5.94 -17.37 11.06
CA ASN A 46 -5.80 -16.55 12.27
C ASN A 46 -7.11 -15.82 12.60
N TYR A 47 -8.20 -16.58 12.55
CA TYR A 47 -9.54 -16.14 12.92
C TYR A 47 -9.96 -16.94 14.15
N PHE A 48 -10.52 -16.28 15.15
CA PHE A 48 -10.86 -16.96 16.38
C PHE A 48 -12.34 -16.71 16.68
N GLU A 49 -13.10 -17.77 16.81
CA GLU A 49 -14.55 -17.67 17.00
C GLU A 49 -14.95 -16.86 18.22
N VAL A 50 -15.89 -15.94 18.02
CA VAL A 50 -16.45 -15.14 19.10
C VAL A 50 -17.90 -15.55 19.35
N ASP A 51 -18.25 -15.72 20.62
CA ASP A 51 -19.62 -16.04 21.00
C ASP A 51 -20.21 -14.82 21.68
N ILE A 52 -21.22 -14.22 21.07
CA ILE A 52 -21.83 -13.07 21.71
C ILE A 52 -23.20 -13.44 22.24
N PRO A 53 -23.55 -12.91 23.41
CA PRO A 53 -24.89 -13.07 23.96
C PRO A 53 -25.90 -12.31 23.12
N LYS A 54 -27.13 -12.83 23.04
CA LYS A 54 -28.19 -12.19 22.26
C LYS A 54 -28.85 -11.09 23.10
N ILE A 55 -28.10 -10.03 23.39
CA ILE A 55 -28.55 -8.99 24.31
C ILE A 55 -28.51 -7.58 23.74
N ASP A 56 -29.14 -6.65 24.46
CA ASP A 56 -29.03 -5.22 24.19
C ASP A 56 -27.92 -4.62 25.03
N VAL A 57 -27.07 -3.83 24.40
CA VAL A 57 -26.06 -3.10 25.13
C VAL A 57 -26.43 -1.62 25.05
N TYR A 58 -25.95 -0.82 26.00
CA TYR A 58 -26.36 0.56 26.06
C TYR A 58 -25.24 1.53 25.68
N HIS A 59 -25.56 2.45 24.78
CA HIS A 59 -24.59 3.31 24.13
C HIS A 59 -24.75 4.75 24.58
N TYR A 60 -23.73 5.28 25.26
CA TYR A 60 -23.78 6.63 25.77
C TYR A 60 -22.79 7.50 25.04
N GLU A 61 -23.08 8.79 25.01
CA GLU A 61 -22.19 9.76 24.40
C GLU A 61 -21.42 10.48 25.50
N VAL A 62 -20.10 10.54 25.35
CA VAL A 62 -19.30 11.41 26.20
C VAL A 62 -18.67 12.49 25.34
N ASP A 63 -18.69 13.70 25.84
CA ASP A 63 -17.94 14.77 25.19
C ASP A 63 -17.14 15.51 26.25
N ILE A 64 -15.89 15.79 25.91
CA ILE A 64 -14.97 16.37 26.87
C ILE A 64 -14.47 17.69 26.33
N LYS A 65 -14.37 18.69 27.20
CA LYS A 65 -13.76 19.96 26.82
C LYS A 65 -12.44 20.11 27.57
N PRO A 66 -11.36 20.45 26.85
CA PRO A 66 -11.33 20.69 25.40
C PRO A 66 -11.42 19.38 24.62
N ASP A 67 -11.76 19.43 23.33
CA ASP A 67 -11.99 18.22 22.56
C ASP A 67 -11.06 18.01 21.36
N LYS A 68 -9.89 18.65 21.38
CA LYS A 68 -8.87 18.40 20.37
C LYS A 68 -7.85 17.42 20.94
N CYS A 69 -8.16 16.91 22.12
CA CYS A 69 -7.23 16.09 22.91
C CYS A 69 -7.09 14.66 22.41
N PRO A 70 -5.86 14.11 22.49
CA PRO A 70 -5.56 12.74 22.09
C PRO A 70 -6.42 11.71 22.81
N ARG A 71 -6.62 10.56 22.16
CA ARG A 71 -7.48 9.52 22.70
C ARG A 71 -6.96 8.98 24.04
N ARG A 72 -5.65 8.97 24.23
CA ARG A 72 -5.06 8.44 25.45
C ARG A 72 -5.46 9.28 26.66
N VAL A 73 -5.66 10.57 26.42
CA VAL A 73 -6.10 11.49 27.47
C VAL A 73 -7.53 11.18 27.89
N ASN A 74 -8.41 11.04 26.92
CA ASN A 74 -9.82 10.78 27.16
C ASN A 74 -10.04 9.51 27.99
N ARG A 75 -9.28 8.47 27.66
CA ARG A 75 -9.32 7.22 28.40
C ARG A 75 -8.93 7.44 29.86
N GLU A 76 -7.96 8.32 30.09
CA GLU A 76 -7.56 8.68 31.45
C GLU A 76 -8.72 9.34 32.16
N VAL A 77 -9.32 10.32 31.49
CA VAL A 77 -10.45 11.05 32.02
C VAL A 77 -11.62 10.12 32.35
N VAL A 78 -11.98 9.26 31.41
CA VAL A 78 -13.08 8.32 31.60
C VAL A 78 -12.77 7.32 32.71
N GLU A 79 -11.52 6.87 32.78
CA GLU A 79 -11.10 5.98 33.85
C GLU A 79 -11.24 6.64 35.22
N TYR A 80 -10.67 7.83 35.33
CA TYR A 80 -10.75 8.65 36.54
C TYR A 80 -12.21 8.85 36.94
N MET A 81 -13.07 9.01 35.93
CA MET A 81 -14.49 9.21 36.15
C MET A 81 -15.18 7.96 36.67
N VAL A 82 -14.90 6.83 36.03
CA VAL A 82 -15.50 5.56 36.39
C VAL A 82 -15.15 5.15 37.83
N GLN A 83 -13.87 5.27 38.16
CA GLN A 83 -13.39 4.87 39.49
C GLN A 83 -13.87 5.80 40.60
N HIS A 84 -14.05 7.08 40.29
CA HIS A 84 -14.45 8.05 41.31
C HIS A 84 -15.96 8.10 41.55
N PHE A 85 -16.74 8.16 40.46
CA PHE A 85 -18.18 8.36 40.57
C PHE A 85 -18.98 7.06 40.54
N LYS A 86 -18.44 6.03 41.19
CA LYS A 86 -19.13 4.73 41.28
C LYS A 86 -20.54 4.81 41.89
N PRO A 87 -20.66 5.31 43.14
CA PRO A 87 -21.99 5.20 43.75
C PRO A 87 -22.97 6.21 43.17
N GLN A 88 -22.45 7.29 42.61
CA GLN A 88 -23.28 8.35 42.07
C GLN A 88 -23.93 7.96 40.74
N ILE A 89 -23.12 7.61 39.75
CA ILE A 89 -23.63 7.43 38.39
C ILE A 89 -23.00 6.28 37.59
N PHE A 90 -22.48 5.26 38.27
CA PHE A 90 -21.82 4.16 37.55
C PHE A 90 -22.08 2.76 38.12
N GLY A 91 -22.54 2.70 39.36
CA GLY A 91 -22.66 1.43 40.06
C GLY A 91 -21.32 0.72 40.03
N ASP A 92 -21.36 -0.60 39.89
CA ASP A 92 -20.13 -1.37 39.80
C ASP A 92 -19.94 -1.97 38.40
N ARG A 93 -20.65 -1.41 37.43
CA ARG A 93 -20.54 -1.87 36.05
C ARG A 93 -19.15 -1.56 35.50
N LYS A 94 -18.73 -2.27 34.46
CA LYS A 94 -17.46 -1.94 33.80
C LYS A 94 -17.70 -1.48 32.38
N PRO A 95 -17.84 -0.17 32.20
CA PRO A 95 -18.15 0.30 30.85
C PRO A 95 -16.93 0.18 29.96
N VAL A 96 -17.17 0.31 28.66
CA VAL A 96 -16.14 0.18 27.68
C VAL A 96 -16.15 1.44 26.79
N TYR A 97 -14.97 1.91 26.41
CA TYR A 97 -14.81 3.24 25.80
C TYR A 97 -13.87 3.24 24.59
N ASP A 98 -14.19 4.02 23.57
CA ASP A 98 -13.40 4.01 22.33
C ASP A 98 -12.30 5.09 22.31
N GLY A 99 -12.24 5.89 23.36
CA GLY A 99 -11.22 6.92 23.47
C GLY A 99 -11.65 8.24 22.89
N LYS A 100 -12.85 8.27 22.32
CA LYS A 100 -13.39 9.50 21.74
C LYS A 100 -14.72 9.85 22.35
N LYS A 101 -15.79 9.59 21.61
CA LYS A 101 -17.12 10.01 22.05
C LYS A 101 -18.02 8.85 22.49
N ASN A 102 -17.58 7.61 22.26
CA ASN A 102 -18.47 6.46 22.45
C ASN A 102 -18.17 5.57 23.67
N ILE A 103 -19.18 5.38 24.51
CA ILE A 103 -19.05 4.48 25.65
C ILE A 103 -20.24 3.51 25.72
N TYR A 104 -19.94 2.26 26.07
CA TYR A 104 -20.96 1.22 26.12
C TYR A 104 -21.01 0.54 27.48
N THR A 105 -22.21 0.14 27.88
CA THR A 105 -22.43 -0.57 29.12
C THR A 105 -23.40 -1.71 28.86
N VAL A 106 -23.29 -2.77 29.65
CA VAL A 106 -24.07 -3.99 29.43
C VAL A 106 -25.52 -3.87 29.93
N THR A 107 -25.72 -3.04 30.95
CA THR A 107 -27.05 -2.69 31.43
C THR A 107 -27.13 -1.17 31.55
N ALA A 108 -28.34 -0.62 31.62
CA ALA A 108 -28.52 0.83 31.63
C ALA A 108 -27.96 1.50 32.88
N LEU A 109 -27.42 2.70 32.69
CA LEU A 109 -26.91 3.53 33.79
C LEU A 109 -28.10 4.26 34.42
N PRO A 110 -28.03 4.50 35.73
CA PRO A 110 -29.15 5.16 36.43
C PRO A 110 -29.21 6.65 36.08
N ILE A 111 -29.23 6.93 34.78
CA ILE A 111 -29.08 8.29 34.28
C ILE A 111 -30.32 8.68 33.48
N GLY A 112 -31.06 7.67 33.02
CA GLY A 112 -32.31 7.90 32.30
C GLY A 112 -32.15 8.49 30.91
N ASN A 113 -31.96 9.81 30.86
CA ASN A 113 -32.02 10.52 29.59
C ASN A 113 -31.42 11.91 29.77
N GLU A 114 -30.39 11.99 30.59
CA GLU A 114 -29.95 13.27 31.14
C GLU A 114 -28.48 13.58 30.88
N ARG A 115 -28.20 14.80 30.46
CA ARG A 115 -26.82 15.27 30.33
C ARG A 115 -26.24 15.54 31.72
N VAL A 116 -25.51 14.56 32.26
CA VAL A 116 -24.88 14.73 33.58
C VAL A 116 -23.46 15.30 33.44
N ASP A 117 -23.11 16.21 34.35
CA ASP A 117 -21.80 16.87 34.28
C ASP A 117 -20.88 16.50 35.45
N LYS A 132 -14.15 18.57 33.08
CA LYS A 132 -15.22 19.06 32.21
C LYS A 132 -15.72 17.98 31.26
N VAL A 133 -16.67 17.17 31.73
CA VAL A 133 -17.17 16.06 30.94
C VAL A 133 -18.67 15.86 31.14
N SER A 134 -19.39 15.58 30.06
CA SER A 134 -20.79 15.21 30.15
C SER A 134 -21.08 13.85 29.51
N ILE A 135 -22.07 13.15 30.06
CA ILE A 135 -22.56 11.90 29.49
C ILE A 135 -24.07 12.00 29.27
N LYS A 136 -24.54 11.49 28.13
CA LYS A 136 -25.96 11.39 27.90
C LYS A 136 -26.23 10.20 26.99
N TRP A 137 -27.34 9.51 27.26
CA TRP A 137 -27.67 8.30 26.55
C TRP A 137 -27.92 8.57 25.07
N LEU A 138 -27.50 7.63 24.24
CA LEU A 138 -27.69 7.75 22.80
C LEU A 138 -28.73 6.73 22.35
N ALA A 139 -28.31 5.48 22.26
CA ALA A 139 -29.13 4.44 21.67
C ALA A 139 -28.91 3.09 22.32
N ILE A 140 -29.72 2.13 21.92
CA ILE A 140 -29.55 0.75 22.28
C ILE A 140 -28.95 0.04 21.07
N VAL A 141 -27.91 -0.73 21.26
CA VAL A 141 -27.45 -1.58 20.18
C VAL A 141 -27.74 -3.03 20.52
N SER A 142 -28.23 -3.75 19.52
CA SER A 142 -28.73 -5.10 19.73
C SER A 142 -27.73 -6.10 19.18
N TRP A 143 -27.29 -7.02 20.03
CA TRP A 143 -26.41 -8.08 19.57
C TRP A 143 -27.25 -9.26 19.10
N ARG A 144 -28.48 -9.30 19.59
CA ARG A 144 -29.48 -10.22 19.06
C ARG A 144 -29.61 -9.98 17.56
N MET A 145 -29.76 -8.71 17.18
CA MET A 145 -29.91 -8.35 15.77
C MET A 145 -28.68 -8.72 14.95
N LEU A 146 -27.50 -8.53 15.51
CA LEU A 146 -26.26 -8.91 14.84
C LEU A 146 -26.21 -10.43 14.60
N HIS A 147 -26.56 -11.21 15.60
CA HIS A 147 -26.65 -12.65 15.43
C HIS A 147 -27.59 -13.07 14.28
N GLU A 148 -28.79 -12.49 14.24
CA GLU A 148 -29.75 -12.84 13.20
C GLU A 148 -29.28 -12.43 11.80
N ALA A 149 -28.64 -11.28 11.70
CA ALA A 149 -28.09 -10.83 10.43
C ALA A 149 -27.18 -11.90 9.84
N LEU A 150 -26.42 -12.56 10.72
CA LEU A 150 -25.42 -13.51 10.27
C LEU A 150 -26.01 -14.82 9.76
N VAL A 151 -27.17 -15.21 10.27
CA VAL A 151 -27.80 -16.45 9.78
C VAL A 151 -29.00 -16.24 8.86
N SER A 152 -29.40 -14.99 8.65
CA SER A 152 -30.53 -14.68 7.76
C SER A 152 -30.14 -14.12 6.38
N GLY A 153 -29.42 -13.01 6.35
CA GLY A 153 -29.03 -12.38 5.10
C GLY A 153 -29.86 -11.17 4.71
N GLN A 154 -31.12 -11.13 5.17
CA GLN A 154 -32.10 -10.16 4.67
C GLN A 154 -31.83 -8.69 5.01
N ILE A 155 -30.94 -8.42 5.94
CA ILE A 155 -30.54 -7.04 6.21
C ILE A 155 -29.02 -6.94 6.26
N PRO A 156 -28.48 -5.77 5.94
CA PRO A 156 -27.03 -5.63 6.04
C PRO A 156 -26.56 -5.87 7.47
N VAL A 157 -25.37 -6.46 7.62
CA VAL A 157 -24.75 -6.58 8.92
C VAL A 157 -24.72 -5.23 9.62
N PRO A 158 -25.41 -5.11 10.77
CA PRO A 158 -25.54 -3.82 11.48
C PRO A 158 -24.20 -3.37 12.07
N LEU A 159 -23.65 -2.31 11.51
CA LEU A 159 -22.31 -1.87 11.82
C LEU A 159 -22.18 -1.23 13.20
N GLU A 160 -23.27 -0.69 13.72
CA GLU A 160 -23.27 -0.14 15.09
C GLU A 160 -23.11 -1.24 16.13
N SER A 161 -23.64 -2.42 15.82
CA SER A 161 -23.54 -3.58 16.70
C SER A 161 -22.14 -4.19 16.65
N VAL A 162 -21.58 -4.25 15.45
CA VAL A 162 -20.21 -4.73 15.29
C VAL A 162 -19.27 -3.77 16.01
N GLN A 163 -19.58 -2.49 15.92
CA GLN A 163 -18.71 -1.48 16.50
C GLN A 163 -18.67 -1.62 18.02
N ALA A 164 -19.84 -1.82 18.63
CA ALA A 164 -19.91 -2.03 20.08
C ALA A 164 -19.14 -3.27 20.52
N LEU A 165 -19.22 -4.33 19.73
CA LEU A 165 -18.49 -5.55 20.06
C LEU A 165 -16.97 -5.34 19.96
N ASP A 166 -16.53 -4.64 18.93
CA ASP A 166 -15.11 -4.33 18.74
C ASP A 166 -14.53 -3.49 19.88
N VAL A 167 -15.24 -2.42 20.24
CA VAL A 167 -14.81 -1.53 21.30
C VAL A 167 -14.65 -2.29 22.62
N ALA A 168 -15.58 -3.21 22.89
CA ALA A 168 -15.55 -4.02 24.11
C ALA A 168 -14.35 -4.96 24.17
N MET A 169 -14.00 -5.53 23.04
CA MET A 169 -12.94 -6.52 22.99
C MET A 169 -11.55 -5.91 22.93
N ARG A 170 -11.47 -4.62 22.59
CA ARG A 170 -10.17 -3.96 22.46
C ARG A 170 -9.97 -2.89 23.54
N HIS A 171 -10.86 -2.86 24.51
CA HIS A 171 -10.83 -1.84 25.55
C HIS A 171 -9.63 -1.97 26.49
N LEU A 172 -9.38 -3.20 26.96
CA LEU A 172 -8.24 -3.46 27.82
C LEU A 172 -6.92 -3.21 27.09
N ALA A 173 -6.79 -3.75 25.88
CA ALA A 173 -5.61 -3.51 25.04
C ALA A 173 -5.33 -2.02 24.88
N SER A 174 -6.40 -1.23 24.78
CA SER A 174 -6.29 0.20 24.53
C SER A 174 -5.72 0.95 25.72
N MET A 175 -5.79 0.32 26.89
CA MET A 175 -5.22 0.90 28.10
C MET A 175 -3.80 0.39 28.35
N ARG A 176 -3.54 -0.85 27.97
CA ARG A 176 -2.25 -1.48 28.23
C ARG A 176 -1.20 -1.13 27.19
N TYR A 177 -1.64 -0.82 25.98
CA TYR A 177 -0.70 -0.63 24.89
C TYR A 177 -0.95 0.65 24.13
N THR A 178 -0.06 0.93 23.20
CA THR A 178 -0.18 2.08 22.32
C THR A 178 -0.97 1.68 21.08
N PRO A 179 -2.17 2.24 20.91
CA PRO A 179 -3.00 1.91 19.75
C PRO A 179 -2.56 2.64 18.47
N VAL A 180 -2.52 1.90 17.35
CA VAL A 180 -2.14 2.46 16.07
C VAL A 180 -2.98 1.83 14.95
N GLY A 181 -3.93 2.59 14.41
CA GLY A 181 -4.88 2.00 13.48
C GLY A 181 -5.61 0.91 14.24
N ARG A 182 -5.72 -0.28 13.65
CA ARG A 182 -6.38 -1.38 14.36
C ARG A 182 -5.37 -2.26 15.10
N SER A 183 -4.15 -1.75 15.29
CA SER A 183 -3.11 -2.52 15.95
C SER A 183 -2.67 -1.93 17.29
N PHE A 184 -1.87 -2.69 18.03
CA PHE A 184 -1.39 -2.29 19.35
C PHE A 184 0.13 -2.51 19.49
N PHE A 185 0.84 -1.54 20.07
CA PHE A 185 2.27 -1.70 20.24
C PHE A 185 2.70 -1.32 21.63
N SER A 186 3.86 -1.83 22.04
CA SER A 186 4.48 -1.36 23.27
C SER A 186 5.96 -1.15 23.01
N PRO A 187 6.57 -0.22 23.76
CA PRO A 187 7.99 0.08 23.55
C PRO A 187 8.84 -1.17 23.71
N PRO A 188 9.91 -1.26 22.93
CA PRO A 188 10.86 -2.38 22.92
C PRO A 188 11.30 -2.78 24.33
N GLU A 189 11.08 -4.05 24.67
CA GLU A 189 11.55 -4.64 25.90
C GLU A 189 12.03 -6.01 25.48
N GLY A 190 13.29 -6.32 25.75
CA GLY A 190 13.84 -7.60 25.37
C GLY A 190 14.22 -7.67 23.90
N TYR A 191 14.27 -6.53 23.22
CA TYR A 191 14.73 -6.46 21.83
C TYR A 191 15.10 -5.05 21.45
N TYR A 192 15.87 -4.89 20.38
CA TYR A 192 16.23 -3.57 19.88
C TYR A 192 16.63 -3.69 18.43
N HIS A 193 15.88 -3.04 17.58
CA HIS A 193 16.11 -3.13 16.14
C HIS A 193 16.04 -1.73 15.53
N PRO A 194 17.17 -1.01 15.55
CA PRO A 194 17.21 0.31 14.92
C PRO A 194 17.23 0.17 13.40
N LEU A 195 16.63 1.15 12.73
CA LEU A 195 16.50 1.13 11.28
C LEU A 195 17.44 2.12 10.59
N GLY A 196 18.07 2.98 11.40
CA GLY A 196 18.78 4.13 10.88
C GLY A 196 17.85 5.33 10.80
N GLY A 197 18.41 6.53 10.69
CA GLY A 197 17.61 7.74 10.53
C GLY A 197 16.66 7.99 11.68
N GLY A 198 17.09 7.67 12.89
CA GLY A 198 16.30 7.93 14.07
C GLY A 198 15.05 7.07 14.19
N ARG A 199 15.01 5.97 13.45
CA ARG A 199 13.85 5.08 13.49
C ARG A 199 14.19 3.71 14.08
N GLU A 200 13.21 3.07 14.72
CA GLU A 200 13.39 1.72 15.23
C GLU A 200 12.09 0.87 15.12
N VAL A 201 12.24 -0.45 15.22
CA VAL A 201 11.09 -1.36 15.13
C VAL A 201 10.41 -1.55 16.47
N TRP A 202 9.09 -1.33 16.53
CA TRP A 202 8.31 -1.79 17.67
C TRP A 202 7.49 -3.01 17.25
N PHE A 203 7.44 -4.02 18.11
CA PHE A 203 6.62 -5.20 17.87
C PHE A 203 5.27 -5.06 18.54
N GLY A 204 4.24 -5.61 17.92
CA GLY A 204 2.90 -5.61 18.49
C GLY A 204 1.96 -6.54 17.75
N PHE A 205 0.68 -6.22 17.75
CA PHE A 205 -0.28 -7.08 17.07
C PHE A 205 -1.45 -6.31 16.46
N HIS A 206 -1.98 -6.84 15.36
CA HIS A 206 -3.25 -6.39 14.83
C HIS A 206 -4.43 -7.14 15.49
N GLN A 207 -5.49 -6.40 15.80
CA GLN A 207 -6.72 -7.03 16.30
C GLN A 207 -7.96 -6.39 15.66
N SER A 208 -8.86 -7.22 15.16
CA SER A 208 -10.13 -6.73 14.65
C SER A 208 -11.22 -7.78 14.82
N VAL A 209 -12.47 -7.35 14.84
CA VAL A 209 -13.60 -8.28 14.87
C VAL A 209 -14.41 -8.13 13.59
N ARG A 210 -14.69 -9.25 12.94
CA ARG A 210 -15.35 -9.28 11.65
C ARG A 210 -16.43 -10.34 11.58
N PRO A 211 -17.53 -10.03 10.89
CA PRO A 211 -18.55 -11.04 10.64
C PRO A 211 -18.00 -12.04 9.64
N ALA A 212 -18.10 -13.32 9.94
CA ALA A 212 -17.74 -14.37 9.01
C ALA A 212 -18.97 -15.24 8.71
N MET A 213 -18.77 -16.47 8.22
CA MET A 213 -19.86 -17.22 7.60
C MET A 213 -21.04 -17.52 8.54
N TRP A 214 -20.76 -18.03 9.73
CA TRP A 214 -21.84 -18.23 10.71
C TRP A 214 -21.65 -17.41 11.99
N LYS A 215 -20.43 -16.96 12.25
CA LYS A 215 -20.07 -16.37 13.54
C LYS A 215 -19.27 -15.09 13.37
N MET A 216 -19.26 -14.26 14.41
CA MET A 216 -18.27 -13.22 14.54
C MET A 216 -16.91 -13.88 14.76
N MET A 217 -15.87 -13.28 14.21
CA MET A 217 -14.51 -13.77 14.35
C MET A 217 -13.58 -12.66 14.82
N LEU A 218 -12.63 -13.03 15.67
CA LEU A 218 -11.55 -12.15 16.09
C LEU A 218 -10.33 -12.50 15.24
N ASN A 219 -9.85 -11.50 14.52
CA ASN A 219 -8.67 -11.65 13.66
C ASN A 219 -7.47 -11.07 14.40
N ILE A 220 -6.49 -11.91 14.66
CA ILE A 220 -5.28 -11.55 15.37
C ILE A 220 -4.07 -11.88 14.50
N ASP A 221 -3.16 -10.93 14.33
CA ASP A 221 -1.92 -11.19 13.62
C ASP A 221 -0.76 -10.51 14.36
N VAL A 222 0.44 -11.07 14.30
CA VAL A 222 1.58 -10.36 14.89
C VAL A 222 1.97 -9.27 13.91
N SER A 223 2.45 -8.16 14.46
CA SER A 223 2.81 -7.02 13.65
C SER A 223 4.06 -6.33 14.16
N ALA A 224 4.66 -5.53 13.30
CA ALA A 224 5.84 -4.73 13.63
C ALA A 224 5.80 -3.46 12.79
N THR A 225 6.04 -2.31 13.41
CA THR A 225 6.04 -1.05 12.67
C THR A 225 7.19 -0.16 13.15
N ALA A 226 7.53 0.84 12.34
CA ALA A 226 8.63 1.74 12.68
C ALA A 226 8.14 2.93 13.50
N PHE A 227 8.86 3.20 14.60
CA PHE A 227 8.61 4.36 15.45
C PHE A 227 9.88 5.18 15.50
N TYR A 228 9.76 6.46 15.87
CA TYR A 228 10.93 7.28 16.09
C TYR A 228 11.49 7.01 17.48
N LYS A 229 12.81 6.78 17.52
CA LYS A 229 13.55 6.71 18.77
C LYS A 229 13.31 8.00 19.53
N ALA A 230 13.07 7.88 20.83
CA ALA A 230 13.02 9.03 21.71
C ALA A 230 14.47 9.38 22.05
N GLN A 231 14.94 10.52 21.54
CA GLN A 231 16.32 10.92 21.71
C GLN A 231 16.37 12.42 21.45
N PRO A 232 17.47 13.08 21.86
CA PRO A 232 17.49 14.53 21.60
C PRO A 232 17.44 14.85 20.10
N VAL A 233 16.92 16.01 19.77
CA VAL A 233 16.78 16.41 18.38
C VAL A 233 18.13 16.45 17.65
N ILE A 234 19.18 16.81 18.38
CA ILE A 234 20.52 16.86 17.77
C ILE A 234 21.02 15.48 17.36
N GLU A 235 20.69 14.47 18.16
CA GLU A 235 21.07 13.09 17.82
C GLU A 235 20.23 12.54 16.67
N PHE A 236 18.94 12.86 16.69
CA PHE A 236 18.08 12.58 15.55
C PHE A 236 18.73 13.18 14.31
N MET A 237 19.00 14.49 14.35
CA MET A 237 19.63 15.17 13.21
C MET A 237 20.93 14.50 12.74
N CYS A 238 21.80 14.14 13.68
CA CYS A 238 23.05 13.48 13.30
C CYS A 238 22.82 12.15 12.60
N GLU A 239 21.87 11.35 13.10
CA GLU A 239 21.51 10.12 12.42
C GLU A 239 21.04 10.39 10.98
N VAL A 240 20.14 11.35 10.78
CA VAL A 240 19.58 11.52 9.44
C VAL A 240 20.55 12.18 8.46
N LEU A 241 21.54 12.89 8.99
CA LEU A 241 22.54 13.57 8.15
C LEU A 241 23.88 12.83 8.15
N ASP A 242 23.94 11.73 8.91
CA ASP A 242 25.18 10.94 9.02
C ASP A 242 26.35 11.81 9.46
N ILE A 243 26.20 12.46 10.59
CA ILE A 243 27.27 13.28 11.14
C ILE A 243 27.83 12.54 12.34
N ARG A 244 29.12 12.21 12.30
CA ARG A 244 29.71 11.35 13.32
C ARG A 244 30.14 12.10 14.58
N ASN A 245 30.42 13.38 14.42
CA ASN A 245 30.92 14.22 15.51
C ASN A 245 30.40 15.65 15.32
N ILE A 246 29.34 15.99 16.04
CA ILE A 246 28.66 17.26 15.86
C ILE A 246 29.52 18.42 16.36
N ASP A 247 30.57 18.11 17.13
CA ASP A 247 31.40 19.12 17.73
C ASP A 247 32.64 19.38 16.88
N GLU A 248 32.80 18.61 15.82
CA GLU A 248 33.97 18.71 14.95
C GLU A 248 34.06 20.07 14.25
N GLN A 249 32.97 20.44 13.58
CA GLN A 249 32.92 21.66 12.79
C GLN A 249 31.75 22.53 13.23
N PRO A 250 32.01 23.54 14.07
CA PRO A 250 30.86 24.35 14.48
C PRO A 250 30.43 25.37 13.41
N LYS A 251 29.88 24.90 12.29
CA LYS A 251 29.37 25.81 11.26
C LYS A 251 27.94 25.47 10.81
N PRO A 252 27.20 26.48 10.28
CA PRO A 252 25.80 26.19 9.94
C PRO A 252 25.69 25.08 8.89
N LEU A 253 24.53 24.45 8.81
CA LEU A 253 24.29 23.37 7.87
C LEU A 253 24.30 23.89 6.45
N THR A 254 24.69 23.04 5.51
CA THR A 254 24.49 23.35 4.10
C THR A 254 22.99 23.40 3.85
N ASP A 255 22.61 23.96 2.71
CA ASP A 255 21.20 23.99 2.33
C ASP A 255 20.64 22.58 2.11
N SER A 256 21.43 21.71 1.49
CA SER A 256 20.99 20.33 1.28
C SER A 256 20.74 19.65 2.61
N GLN A 257 21.71 19.80 3.52
CA GLN A 257 21.59 19.25 4.86
C GLN A 257 20.32 19.69 5.56
N ARG A 258 20.06 20.99 5.52
CA ARG A 258 18.87 21.54 6.18
C ARG A 258 17.59 21.04 5.54
N VAL A 259 17.56 21.01 4.20
CA VAL A 259 16.38 20.51 3.48
C VAL A 259 16.11 19.05 3.86
N ARG A 260 17.16 18.23 3.82
CA ARG A 260 17.07 16.83 4.18
C ARG A 260 16.59 16.64 5.62
N PHE A 261 17.13 17.45 6.52
CA PHE A 261 16.76 17.40 7.93
C PHE A 261 15.31 17.81 8.10
N THR A 262 14.94 18.87 7.40
CA THR A 262 13.57 19.40 7.45
C THR A 262 12.49 18.37 7.08
N LYS A 263 12.65 17.71 5.95
CA LYS A 263 11.65 16.76 5.45
C LYS A 263 11.48 15.62 6.44
N GLU A 264 12.51 15.38 7.24
CA GLU A 264 12.52 14.30 8.20
C GLU A 264 11.84 14.68 9.53
N ILE A 265 12.01 15.91 10.00
CA ILE A 265 11.48 16.27 11.32
C ILE A 265 10.13 16.95 11.27
N LYS A 266 9.78 17.47 10.09
CA LYS A 266 8.51 18.16 9.89
C LYS A 266 7.35 17.26 10.32
N GLY A 267 6.49 17.79 11.17
CA GLY A 267 5.33 17.06 11.63
C GLY A 267 5.50 16.29 12.93
N LEU A 268 6.74 16.07 13.35
CA LEU A 268 6.95 15.34 14.59
C LEU A 268 6.71 16.21 15.83
N LYS A 269 6.41 15.56 16.94
CA LYS A 269 6.31 16.26 18.22
C LYS A 269 7.66 16.26 18.90
N VAL A 270 7.97 17.37 19.58
CA VAL A 270 9.17 17.43 20.40
C VAL A 270 8.82 18.03 21.75
N GLU A 271 9.69 17.80 22.72
CA GLU A 271 9.47 18.30 24.08
C GLU A 271 10.71 19.07 24.52
N VAL A 272 10.51 20.09 25.36
CA VAL A 272 11.61 20.97 25.72
C VAL A 272 12.21 20.62 27.08
N THR A 273 13.51 20.87 27.21
CA THR A 273 14.28 20.49 28.39
C THR A 273 14.71 21.66 29.28
N HIS A 274 14.60 22.88 28.77
CA HIS A 274 15.09 24.06 29.48
C HIS A 274 14.17 24.56 30.59
N CYS A 275 12.94 24.03 30.64
CA CYS A 275 12.02 24.41 31.71
C CYS A 275 12.05 23.33 32.80
N GLY A 276 11.91 23.76 34.04
CA GLY A 276 12.08 22.88 35.19
C GLY A 276 11.19 21.66 35.19
N GLN A 277 11.58 20.64 34.42
CA GLN A 277 10.82 19.38 34.31
C GLN A 277 9.37 19.59 33.84
N MET A 278 9.07 20.77 33.33
CA MET A 278 7.74 21.05 32.79
C MET A 278 7.55 20.28 31.50
N LYS A 279 8.55 20.37 30.63
CA LYS A 279 8.62 19.50 29.46
C LYS A 279 7.43 19.67 28.52
N ARG A 280 7.08 20.93 28.25
CA ARG A 280 6.02 21.27 27.31
C ARG A 280 6.31 20.72 25.92
N LYS A 281 5.28 20.16 25.29
CA LYS A 281 5.43 19.54 23.98
C LYS A 281 4.98 20.48 22.86
N TYR A 282 5.56 20.30 21.68
CA TYR A 282 5.17 21.10 20.53
C TYR A 282 5.24 20.24 19.30
N ARG A 283 4.56 20.67 18.24
CA ARG A 283 4.69 20.03 16.95
C ARG A 283 5.54 20.88 16.02
N VAL A 284 6.45 20.24 15.30
CA VAL A 284 7.32 20.93 14.37
C VAL A 284 6.67 21.20 13.03
N CYS A 285 6.59 22.46 12.64
CA CYS A 285 6.02 22.78 11.33
C CYS A 285 7.11 23.24 10.35
N ASN A 286 8.28 23.61 10.86
CA ASN A 286 9.40 23.94 9.99
C ASN A 286 10.79 23.98 10.66
N VAL A 287 11.81 24.14 9.83
CA VAL A 287 13.16 24.36 10.31
C VAL A 287 13.66 25.66 9.65
N THR A 288 14.13 26.59 10.47
CA THR A 288 14.55 27.90 9.97
C THR A 288 15.74 27.78 9.03
N ARG A 289 15.81 28.66 8.04
CA ARG A 289 17.01 28.80 7.20
C ARG A 289 18.17 29.39 8.02
N ARG A 290 17.84 30.29 8.93
CA ARG A 290 18.86 30.98 9.73
C ARG A 290 19.28 30.16 10.96
N PRO A 291 20.58 30.23 11.31
CA PRO A 291 21.05 29.70 12.60
C PRO A 291 20.33 30.42 13.75
N ALA A 292 20.22 29.77 14.92
CA ALA A 292 19.67 30.43 16.11
C ALA A 292 20.34 31.79 16.38
N SER A 293 21.63 31.87 16.09
CA SER A 293 22.37 33.13 16.24
C SER A 293 21.79 34.28 15.40
N HIS A 294 21.30 33.98 14.20
CA HIS A 294 20.77 34.99 13.30
C HIS A 294 19.25 35.13 13.33
N GLN A 295 18.53 34.09 13.78
CA GLN A 295 17.05 34.07 13.75
C GLN A 295 16.42 35.07 14.73
N THR A 296 15.58 35.97 14.21
CA THR A 296 14.90 36.96 15.02
C THR A 296 13.40 36.69 15.12
N PHE A 297 12.77 37.26 16.14
CA PHE A 297 11.31 37.18 16.33
C PHE A 297 10.93 38.45 17.08
N PRO A 298 9.66 38.88 16.95
CA PRO A 298 9.22 40.05 17.72
C PRO A 298 8.91 39.67 19.19
N LEU A 299 9.76 40.11 20.11
CA LEU A 299 9.59 39.82 21.53
C LEU A 299 8.61 40.81 22.12
N GLN A 300 7.50 40.29 22.66
CA GLN A 300 6.47 41.13 23.24
C GLN A 300 6.81 41.52 24.67
N LEU A 301 6.70 42.81 24.95
CA LEU A 301 6.98 43.34 26.28
C LEU A 301 5.71 43.37 27.14
N GLU A 302 5.89 43.49 28.46
CA GLU A 302 4.80 43.63 29.41
C GLU A 302 3.83 44.72 28.98
N SER A 303 4.36 45.81 28.44
CA SER A 303 3.54 46.91 27.97
C SER A 303 2.68 46.52 26.76
N GLY A 304 3.19 45.60 25.95
CA GLY A 304 2.52 45.23 24.71
C GLY A 304 3.24 45.73 23.47
N GLN A 305 4.30 46.52 23.66
CA GLN A 305 5.18 46.87 22.54
C GLN A 305 5.98 45.63 22.17
N THR A 306 6.65 45.66 21.03
CA THR A 306 7.52 44.55 20.65
C THR A 306 8.88 45.05 20.21
N VAL A 307 9.93 44.32 20.58
CA VAL A 307 11.28 44.58 20.12
C VAL A 307 11.79 43.37 19.39
N GLU A 308 12.70 43.56 18.44
CA GLU A 308 13.29 42.42 17.74
C GLU A 308 14.32 41.76 18.64
N CYS A 309 14.28 40.44 18.73
CA CYS A 309 15.27 39.71 19.51
C CYS A 309 15.76 38.50 18.71
N THR A 310 17.03 38.10 18.91
CA THR A 310 17.48 36.83 18.35
C THR A 310 17.12 35.68 19.26
N VAL A 311 17.01 34.49 18.68
CA VAL A 311 16.70 33.30 19.46
C VAL A 311 17.80 33.02 20.50
N ALA A 312 19.04 33.04 20.04
CA ALA A 312 20.21 32.84 20.92
C ALA A 312 20.22 33.85 22.07
N GLN A 313 19.97 35.11 21.75
CA GLN A 313 19.99 36.15 22.79
C GLN A 313 18.84 36.02 23.78
N TYR A 314 17.66 35.71 23.26
CA TYR A 314 16.51 35.42 24.11
C TYR A 314 16.79 34.33 25.12
N PHE A 315 17.40 33.23 24.70
CA PHE A 315 17.62 32.10 25.62
C PHE A 315 18.61 32.45 26.72
N LYS A 316 19.53 33.35 26.40
CA LYS A 316 20.48 33.85 27.38
C LYS A 316 19.80 34.77 28.40
N GLN A 317 19.08 35.79 27.92
CA GLN A 317 18.41 36.74 28.81
C GLN A 317 17.33 36.06 29.61
N LYS A 318 16.61 35.14 28.99
CA LYS A 318 15.45 34.56 29.64
C LYS A 318 15.77 33.36 30.51
N TYR A 319 16.60 32.45 29.99
CA TYR A 319 16.83 31.19 30.70
C TYR A 319 18.25 31.04 31.17
N ASN A 320 19.03 32.11 31.01
CA ASN A 320 20.45 32.12 31.36
C ASN A 320 21.18 30.94 30.76
N LEU A 321 20.76 30.60 29.55
CA LEU A 321 21.30 29.48 28.82
C LEU A 321 22.00 30.03 27.60
N GLN A 322 23.31 29.81 27.56
CA GLN A 322 24.12 30.13 26.42
C GLN A 322 24.16 28.88 25.56
N LEU A 323 23.61 28.95 24.35
CA LEU A 323 23.51 27.78 23.48
C LEU A 323 24.88 27.21 23.10
N LYS A 324 25.00 25.89 23.10
CA LYS A 324 26.21 25.23 22.61
C LYS A 324 26.31 25.28 21.09
N TYR A 325 25.17 25.29 20.41
CA TYR A 325 25.16 25.24 18.95
C TYR A 325 24.36 26.37 18.33
N PRO A 326 24.78 27.62 18.56
CA PRO A 326 24.03 28.74 17.99
C PRO A 326 24.13 28.77 16.46
N HIS A 327 25.04 27.98 15.90
CA HIS A 327 25.15 27.87 14.46
C HIS A 327 24.10 26.94 13.84
N LEU A 328 23.49 26.08 14.67
CA LEU A 328 22.45 25.17 14.20
C LEU A 328 21.13 25.92 14.06
N PRO A 329 20.22 25.41 13.22
CA PRO A 329 18.95 26.12 13.02
C PRO A 329 17.98 25.86 14.16
N CYS A 330 16.81 26.48 14.06
CA CYS A 330 15.77 26.29 15.06
C CYS A 330 14.62 25.52 14.46
N LEU A 331 13.81 24.93 15.34
CA LEU A 331 12.54 24.37 14.94
C LEU A 331 11.48 25.44 15.08
N GLN A 332 10.78 25.75 14.00
CA GLN A 332 9.54 26.49 14.12
C GLN A 332 8.45 25.52 14.51
N VAL A 333 7.71 25.85 15.57
CA VAL A 333 6.62 25.00 16.05
C VAL A 333 5.34 25.83 16.16
N GLY A 334 4.21 25.16 16.37
CA GLY A 334 2.92 25.84 16.44
C GLY A 334 2.53 26.45 15.11
N GLN A 335 1.80 27.56 15.12
CA GLN A 335 1.36 28.22 13.88
C GLN A 335 2.53 28.87 13.16
N GLU A 336 2.44 28.95 11.84
CA GLU A 336 3.48 29.58 11.02
C GLU A 336 3.34 31.10 11.01
N GLN A 337 2.86 31.65 12.11
CA GLN A 337 2.65 33.09 12.24
C GLN A 337 2.90 33.54 13.68
N LYS A 338 3.00 32.59 14.59
CA LYS A 338 3.25 32.90 15.99
C LYS A 338 4.74 33.00 16.33
N HIS A 339 5.58 32.85 15.30
CA HIS A 339 7.03 33.05 15.39
C HIS A 339 7.66 32.36 16.59
N THR A 340 7.32 31.11 16.82
CA THR A 340 7.96 30.40 17.92
C THR A 340 9.04 29.42 17.42
N TYR A 341 10.26 29.64 17.89
CA TYR A 341 11.45 28.98 17.37
C TYR A 341 12.16 28.32 18.52
N LEU A 342 12.50 27.04 18.36
CA LEU A 342 13.25 26.33 19.39
C LEU A 342 14.61 25.90 18.88
N PRO A 343 15.69 26.31 19.59
CA PRO A 343 17.03 25.80 19.30
C PRO A 343 17.02 24.29 19.42
N LEU A 344 17.75 23.60 18.55
CA LEU A 344 17.72 22.14 18.51
C LEU A 344 18.09 21.50 19.84
N GLU A 345 19.04 22.12 20.53
CA GLU A 345 19.65 21.51 21.69
C GLU A 345 18.71 21.47 22.90
N VAL A 346 17.65 22.27 22.89
CA VAL A 346 16.71 22.24 24.01
C VAL A 346 15.56 21.25 23.73
N CYS A 347 15.67 20.46 22.66
CA CYS A 347 14.56 19.61 22.21
C CYS A 347 14.86 18.12 22.15
N ASN A 348 13.89 17.32 22.61
CA ASN A 348 13.87 15.86 22.45
C ASN A 348 12.72 15.43 21.56
N ILE A 349 12.93 14.37 20.79
CA ILE A 349 11.83 13.74 20.07
C ILE A 349 10.92 13.06 21.10
N VAL A 350 9.62 13.38 21.08
CA VAL A 350 8.66 12.77 22.00
C VAL A 350 8.55 11.25 21.76
N ALA A 351 8.66 10.46 22.83
CA ALA A 351 8.51 9.00 22.74
C ALA A 351 7.18 8.57 22.15
N GLY A 352 7.20 7.48 21.39
CA GLY A 352 5.97 6.80 21.00
C GLY A 352 5.26 7.29 19.76
N GLN A 353 5.99 7.93 18.84
CA GLN A 353 5.36 8.37 17.60
C GLN A 353 5.68 7.37 16.51
N ARG A 354 4.66 6.89 15.82
CA ARG A 354 4.88 5.97 14.72
C ARG A 354 5.41 6.71 13.51
N CYS A 355 6.23 6.03 12.72
CA CYS A 355 6.73 6.61 11.48
C CYS A 355 5.73 6.35 10.36
N ILE A 356 5.05 7.41 9.94
CA ILE A 356 4.14 7.37 8.79
C ILE A 356 4.91 7.70 7.50
N LYS A 357 5.93 8.56 7.62
CA LYS A 357 6.82 8.85 6.49
C LYS A 357 7.40 7.55 5.95
N LYS A 358 7.64 7.50 4.65
CA LYS A 358 8.08 6.26 4.02
C LYS A 358 9.51 5.87 4.40
N LEU A 359 9.74 4.56 4.51
CA LEU A 359 11.08 4.04 4.81
C LEU A 359 11.94 4.07 3.57
N THR A 360 13.24 4.27 3.76
CA THR A 360 14.18 4.17 2.65
C THR A 360 14.37 2.70 2.26
N ASP A 361 15.38 2.45 1.44
CA ASP A 361 15.61 1.10 0.93
C ASP A 361 16.29 0.20 1.95
N ASN A 362 17.37 0.68 2.54
CA ASN A 362 18.04 -0.05 3.61
C ASN A 362 17.08 -0.24 4.77
N GLN A 363 16.51 0.88 5.22
CA GLN A 363 15.53 0.89 6.30
C GLN A 363 14.52 -0.23 6.15
N THR A 364 13.95 -0.36 4.96
CA THR A 364 12.92 -1.38 4.71
C THR A 364 13.49 -2.80 4.80
N SER A 365 14.62 -3.03 4.15
CA SER A 365 15.32 -4.29 4.22
C SER A 365 15.65 -4.67 5.66
N THR A 366 16.30 -3.74 6.37
CA THR A 366 16.62 -3.90 7.78
C THR A 366 15.39 -4.36 8.55
N MET A 367 14.26 -3.71 8.30
CA MET A 367 13.03 -4.07 9.01
C MET A 367 12.54 -5.47 8.67
N ILE A 368 12.65 -5.86 7.40
CA ILE A 368 12.19 -7.19 6.99
C ILE A 368 13.00 -8.32 7.65
N LYS A 369 14.32 -8.16 7.75
CA LYS A 369 15.16 -9.16 8.40
C LYS A 369 14.80 -9.35 9.87
N ALA A 370 14.32 -8.29 10.50
CA ALA A 370 13.96 -8.34 11.91
C ALA A 370 12.53 -8.83 12.14
N THR A 371 11.67 -8.65 11.14
CA THR A 371 10.24 -8.89 11.35
C THR A 371 9.65 -10.08 10.59
N ALA A 372 10.20 -10.39 9.43
CA ALA A 372 9.68 -11.50 8.65
C ALA A 372 9.97 -12.83 9.34
N ARG A 373 9.10 -13.80 9.09
CA ARG A 373 9.31 -15.14 9.59
C ARG A 373 8.50 -16.11 8.76
N SER A 374 9.01 -17.34 8.64
CA SER A 374 8.34 -18.39 7.90
C SER A 374 6.88 -18.51 8.36
N ALA A 375 6.03 -19.05 7.50
CA ALA A 375 4.66 -19.36 7.89
C ALA A 375 4.55 -20.16 9.22
N PRO A 376 5.34 -21.24 9.39
CA PRO A 376 5.24 -21.98 10.65
C PRO A 376 5.68 -21.13 11.85
N ASP A 377 6.71 -20.31 11.66
CA ASP A 377 7.16 -19.45 12.75
C ASP A 377 6.07 -18.45 13.12
N ARG A 378 5.44 -17.85 12.10
CA ARG A 378 4.41 -16.84 12.37
C ARG A 378 3.21 -17.52 13.05
N GLN A 379 2.85 -18.68 12.52
CA GLN A 379 1.78 -19.51 13.04
C GLN A 379 1.97 -19.77 14.54
N GLU A 380 3.20 -20.05 14.95
CA GLU A 380 3.44 -20.28 16.37
C GLU A 380 3.31 -19.00 17.19
N GLU A 381 3.79 -17.89 16.62
CA GLU A 381 3.73 -16.60 17.30
C GLU A 381 2.29 -16.16 17.53
N ILE A 382 1.43 -16.32 16.54
CA ILE A 382 0.00 -16.02 16.69
C ILE A 382 -0.61 -16.83 17.82
N SER A 383 -0.36 -18.13 17.78
CA SER A 383 -0.94 -19.04 18.78
C SER A 383 -0.44 -18.68 20.17
N ARG A 384 0.87 -18.42 20.30
CA ARG A 384 1.43 -18.04 21.59
C ARG A 384 0.85 -16.71 22.07
N LEU A 385 0.74 -15.77 21.16
CA LEU A 385 0.14 -14.47 21.46
C LEU A 385 -1.28 -14.69 21.98
N MET A 386 -2.02 -15.52 21.27
CA MET A 386 -3.38 -15.85 21.61
C MET A 386 -3.50 -16.48 22.99
N LYS A 387 -2.71 -17.52 23.23
CA LYS A 387 -2.71 -18.18 24.54
C LYS A 387 -2.34 -17.20 25.65
N ASN A 388 -1.45 -16.26 25.35
CA ASN A 388 -0.96 -15.33 26.36
C ASN A 388 -1.78 -14.04 26.56
N ALA A 389 -2.73 -13.76 25.67
CA ALA A 389 -3.62 -12.62 25.88
C ALA A 389 -4.74 -12.96 26.86
N SER A 390 -5.09 -14.24 26.96
CA SER A 390 -6.16 -14.70 27.85
C SER A 390 -7.44 -13.89 27.71
N TYR A 391 -7.99 -13.79 26.50
CA TYR A 391 -9.17 -12.95 26.28
C TYR A 391 -10.34 -13.27 27.21
N ASN A 392 -10.51 -14.55 27.55
CA ASN A 392 -11.62 -14.97 28.38
C ASN A 392 -11.45 -14.60 29.86
N LEU A 393 -10.34 -13.94 30.18
CA LEU A 393 -10.09 -13.49 31.54
C LEU A 393 -10.11 -11.98 31.63
N ASP A 394 -10.20 -11.34 30.47
CA ASP A 394 -10.41 -9.90 30.38
C ASP A 394 -11.73 -9.58 31.08
N PRO A 395 -11.67 -8.84 32.18
CA PRO A 395 -12.88 -8.58 32.97
C PRO A 395 -13.91 -7.73 32.21
N TYR A 396 -13.46 -7.03 31.18
CA TYR A 396 -14.37 -6.28 30.32
C TYR A 396 -15.13 -7.20 29.39
N ILE A 397 -14.39 -8.08 28.73
CA ILE A 397 -14.99 -9.12 27.91
C ILE A 397 -15.93 -9.98 28.72
N GLN A 398 -15.62 -10.16 30.00
CA GLN A 398 -16.48 -10.93 30.87
C GLN A 398 -17.76 -10.17 31.23
N GLU A 399 -17.61 -8.87 31.49
CA GLU A 399 -18.75 -7.99 31.80
C GLU A 399 -19.83 -8.10 30.74
N PHE A 400 -19.40 -8.31 29.50
CA PHE A 400 -20.32 -8.41 28.37
C PHE A 400 -20.60 -9.85 27.97
N GLY A 401 -20.24 -10.80 28.84
CA GLY A 401 -20.43 -12.20 28.58
C GLY A 401 -19.91 -12.71 27.25
N ILE A 402 -18.83 -12.11 26.74
CA ILE A 402 -18.25 -12.56 25.48
C ILE A 402 -17.30 -13.74 25.70
N LYS A 403 -17.34 -14.71 24.79
CA LYS A 403 -16.40 -15.84 24.80
C LYS A 403 -15.60 -15.95 23.50
N VAL A 404 -14.29 -16.22 23.61
CA VAL A 404 -13.47 -16.47 22.42
C VAL A 404 -12.73 -17.82 22.47
N LYS A 405 -12.73 -18.52 21.34
CA LYS A 405 -11.98 -19.76 21.17
C LYS A 405 -10.46 -19.52 21.14
N ASP A 406 -9.73 -20.44 21.76
CA ASP A 406 -8.27 -20.34 21.88
C ASP A 406 -7.52 -20.72 20.60
N ASP A 407 -8.15 -21.56 19.78
CA ASP A 407 -7.46 -22.17 18.63
C ASP A 407 -7.89 -21.56 17.31
N MET A 408 -6.94 -21.45 16.37
CA MET A 408 -7.21 -20.96 15.02
C MET A 408 -8.36 -21.77 14.39
N THR A 409 -9.25 -21.10 13.68
CA THR A 409 -10.35 -21.81 13.03
C THR A 409 -9.80 -22.72 11.94
N GLU A 410 -10.35 -23.92 11.84
CA GLU A 410 -9.95 -24.81 10.76
C GLU A 410 -10.83 -24.53 9.56
N VAL A 411 -10.24 -24.60 8.37
CA VAL A 411 -10.95 -24.31 7.13
C VAL A 411 -10.49 -25.27 6.06
N THR A 412 -11.41 -25.73 5.23
CA THR A 412 -11.00 -26.49 4.06
C THR A 412 -11.00 -25.59 2.82
N GLY A 413 -9.84 -25.50 2.17
CA GLY A 413 -9.78 -24.78 0.92
C GLY A 413 -9.56 -25.75 -0.22
N ARG A 414 -9.39 -25.20 -1.42
CA ARG A 414 -9.15 -26.00 -2.60
C ARG A 414 -7.98 -25.39 -3.38
N VAL A 415 -7.07 -26.24 -3.84
CA VAL A 415 -5.99 -25.78 -4.69
C VAL A 415 -6.44 -25.85 -6.14
N LEU A 416 -6.69 -24.69 -6.74
CA LEU A 416 -7.11 -24.62 -8.14
C LEU A 416 -6.05 -25.16 -9.07
N PRO A 417 -6.45 -25.80 -10.18
CA PRO A 417 -5.44 -26.26 -11.14
C PRO A 417 -4.87 -25.06 -11.91
N ALA A 418 -3.56 -25.07 -12.17
CA ALA A 418 -2.92 -23.94 -12.84
C ALA A 418 -3.12 -24.02 -14.34
N PRO A 419 -3.32 -22.88 -15.00
CA PRO A 419 -3.56 -22.88 -16.44
C PRO A 419 -2.27 -23.17 -17.19
N ILE A 420 -2.35 -23.72 -18.39
CA ILE A 420 -1.14 -23.91 -19.20
C ILE A 420 -0.93 -22.70 -20.13
N LEU A 421 0.32 -22.38 -20.42
CA LEU A 421 0.62 -21.25 -21.29
C LEU A 421 1.12 -21.70 -22.66
N GLN A 422 0.64 -21.03 -23.70
CA GLN A 422 1.06 -21.34 -25.06
C GLN A 422 2.18 -20.41 -25.51
N TYR A 423 3.34 -20.98 -25.88
CA TYR A 423 4.45 -20.21 -26.47
C TYR A 423 4.48 -20.39 -28.00
N GLY A 424 5.37 -19.66 -28.66
CA GLY A 424 5.40 -19.62 -30.12
C GLY A 424 6.55 -20.40 -30.74
N GLY A 425 7.16 -19.83 -31.79
CA GLY A 425 8.26 -20.48 -32.47
C GLY A 425 7.82 -21.73 -33.21
N ARG A 426 8.77 -22.45 -33.83
CA ARG A 426 8.38 -23.55 -34.69
C ARG A 426 7.87 -24.77 -33.92
N ASN A 427 8.33 -24.91 -32.69
CA ASN A 427 7.89 -26.01 -31.82
C ASN A 427 6.57 -25.74 -31.10
N ARG A 428 6.18 -24.46 -31.00
CA ARG A 428 4.98 -24.03 -30.27
C ARG A 428 4.85 -24.73 -28.91
N ALA A 429 5.83 -24.50 -28.04
CA ALA A 429 5.90 -25.16 -26.75
C ALA A 429 4.81 -24.71 -25.77
N ILE A 430 4.45 -25.61 -24.87
CA ILE A 430 3.52 -25.32 -23.80
C ILE A 430 4.32 -25.17 -22.52
N ALA A 431 3.90 -24.24 -21.68
CA ALA A 431 4.45 -24.16 -20.34
C ALA A 431 3.41 -24.65 -19.35
N THR A 432 3.83 -25.55 -18.46
CA THR A 432 2.95 -26.00 -17.40
C THR A 432 3.50 -25.55 -16.04
N PRO A 433 2.83 -24.57 -15.41
CA PRO A 433 3.21 -24.02 -14.11
C PRO A 433 3.33 -25.09 -13.05
N ASN A 434 4.32 -24.97 -12.18
CA ASN A 434 4.49 -25.95 -11.11
C ASN A 434 4.82 -25.19 -9.85
N GLN A 435 3.92 -25.24 -8.90
CA GLN A 435 4.02 -24.43 -7.68
C GLN A 435 4.15 -22.95 -8.01
N GLY A 436 3.29 -22.48 -8.93
CA GLY A 436 3.24 -21.06 -9.28
C GLY A 436 4.38 -20.53 -10.13
N VAL A 437 5.20 -21.42 -10.69
CA VAL A 437 6.38 -21.00 -11.45
C VAL A 437 6.66 -21.88 -12.68
N TRP A 438 7.03 -21.26 -13.80
CA TRP A 438 7.56 -21.98 -14.96
C TRP A 438 8.79 -21.26 -15.56
N ASP A 439 9.28 -21.68 -16.72
CA ASP A 439 10.48 -21.03 -17.29
C ASP A 439 10.52 -20.97 -18.83
N MET A 440 11.39 -20.11 -19.35
CA MET A 440 11.54 -19.86 -20.80
C MET A 440 12.39 -20.91 -21.52
N ARG A 441 12.94 -21.86 -20.78
CA ARG A 441 13.91 -22.79 -21.34
C ARG A 441 13.30 -23.65 -22.46
N GLY A 442 13.77 -23.43 -23.69
CA GLY A 442 13.27 -24.17 -24.83
C GLY A 442 12.09 -23.51 -25.51
N LYS A 443 11.73 -22.31 -25.05
CA LYS A 443 10.53 -21.65 -25.55
C LYS A 443 10.81 -20.33 -26.29
N GLN A 444 10.02 -20.08 -27.32
CA GLN A 444 10.09 -18.83 -28.06
C GLN A 444 8.83 -18.07 -27.74
N PHE A 445 8.91 -16.74 -27.74
CA PHE A 445 7.72 -15.93 -27.52
C PHE A 445 6.61 -16.26 -28.52
N TYR A 446 5.36 -16.17 -28.07
CA TYR A 446 4.23 -16.38 -28.94
C TYR A 446 4.31 -15.48 -30.16
N ASN A 447 4.60 -14.20 -29.93
CA ASN A 447 4.97 -13.32 -31.03
C ASN A 447 6.20 -12.51 -30.68
N GLY A 448 7.35 -12.90 -31.25
CA GLY A 448 8.60 -12.23 -30.96
C GLY A 448 8.92 -11.12 -31.94
N ILE A 449 9.38 -9.98 -31.39
CA ILE A 449 9.77 -8.86 -32.23
C ILE A 449 11.23 -8.94 -32.66
N GLU A 450 11.49 -8.78 -33.95
CA GLU A 450 12.87 -8.67 -34.40
C GLU A 450 13.39 -7.24 -34.17
N ILE A 451 14.56 -7.12 -33.56
CA ILE A 451 15.10 -5.81 -33.22
C ILE A 451 16.35 -5.55 -34.05
N LYS A 452 16.22 -4.68 -35.05
CA LYS A 452 17.35 -4.39 -35.95
C LYS A 452 17.97 -3.02 -35.68
N VAL A 453 17.21 -2.09 -35.10
CA VAL A 453 17.72 -0.74 -34.89
C VAL A 453 17.55 -0.33 -33.44
N TRP A 454 18.67 -0.26 -32.70
CA TRP A 454 18.63 -0.05 -31.26
C TRP A 454 19.89 0.67 -30.79
N ALA A 455 19.77 1.41 -29.69
CA ALA A 455 20.89 2.18 -29.19
C ALA A 455 21.21 1.85 -27.75
N ILE A 456 22.40 2.26 -27.32
CA ILE A 456 22.83 2.17 -25.94
C ILE A 456 23.15 3.57 -25.44
N ALA A 457 22.48 3.98 -24.39
CA ALA A 457 22.90 5.19 -23.69
C ALA A 457 23.43 4.79 -22.33
N CYS A 458 24.73 4.94 -22.15
CA CYS A 458 25.36 4.57 -20.89
C CYS A 458 25.61 5.74 -19.97
N PHE A 459 24.77 5.90 -18.96
CA PHE A 459 24.91 7.00 -18.02
C PHE A 459 25.79 6.65 -16.84
N ALA A 460 26.37 5.45 -16.87
CA ALA A 460 27.39 5.10 -15.89
C ALA A 460 28.75 5.53 -16.45
N PRO A 461 29.68 5.91 -15.58
CA PRO A 461 30.99 6.38 -16.07
C PRO A 461 31.71 5.30 -16.88
N GLN A 462 32.49 5.72 -17.89
CA GLN A 462 33.07 4.78 -18.84
C GLN A 462 34.03 3.79 -18.18
N LYS A 463 34.74 4.27 -17.16
CA LYS A 463 35.65 3.42 -16.39
C LYS A 463 34.89 2.34 -15.63
N GLN A 464 33.62 2.57 -15.33
CA GLN A 464 32.84 1.58 -14.57
C GLN A 464 32.00 0.70 -15.50
N CYS A 465 32.19 0.87 -16.81
CA CYS A 465 31.42 0.11 -17.78
C CYS A 465 32.04 0.23 -19.15
N ARG A 466 33.23 -0.34 -19.32
CA ARG A 466 34.01 -0.10 -20.53
C ARG A 466 33.48 -0.85 -21.74
N GLU A 467 33.90 -0.41 -22.92
CA GLU A 467 33.38 -0.93 -24.18
C GLU A 467 33.40 -2.46 -24.25
N GLU A 468 34.41 -3.08 -23.66
CA GLU A 468 34.53 -4.54 -23.68
C GLU A 468 33.47 -5.23 -22.81
N VAL A 469 33.21 -4.64 -21.65
CA VAL A 469 32.20 -5.12 -20.73
C VAL A 469 30.81 -4.90 -21.32
N LEU A 470 30.60 -3.73 -21.90
CA LEU A 470 29.39 -3.42 -22.65
C LEU A 470 29.14 -4.42 -23.78
N LYS A 471 30.18 -4.70 -24.56
CA LYS A 471 30.08 -5.68 -25.63
C LYS A 471 29.80 -7.10 -25.09
N ASN A 472 30.36 -7.42 -23.93
CA ASN A 472 30.07 -8.70 -23.29
C ASN A 472 28.59 -8.89 -22.88
N PHE A 473 28.01 -7.87 -22.26
CA PHE A 473 26.60 -7.90 -21.87
C PHE A 473 25.73 -7.97 -23.12
N THR A 474 26.09 -7.17 -24.12
CA THR A 474 25.41 -7.13 -25.40
C THR A 474 25.43 -8.48 -26.13
N ASP A 475 26.58 -9.15 -26.15
CA ASP A 475 26.70 -10.45 -26.79
C ASP A 475 25.80 -11.48 -26.10
N GLN A 476 25.81 -11.43 -24.78
CA GLN A 476 25.02 -12.34 -23.96
C GLN A 476 23.52 -12.13 -24.18
N LEU A 477 23.08 -10.88 -24.08
CA LEU A 477 21.71 -10.51 -24.33
C LEU A 477 21.23 -10.98 -25.71
N ARG A 478 22.08 -10.81 -26.70
CA ARG A 478 21.74 -11.22 -28.05
C ARG A 478 21.56 -12.72 -28.19
N LYS A 479 22.41 -13.51 -27.54
CA LYS A 479 22.27 -14.95 -27.60
C LYS A 479 20.93 -15.34 -26.96
N ILE A 480 20.65 -14.76 -25.81
CA ILE A 480 19.43 -15.05 -25.09
C ILE A 480 18.19 -14.59 -25.83
N SER A 481 18.22 -13.35 -26.34
CA SER A 481 17.09 -12.79 -27.08
C SER A 481 16.76 -13.63 -28.32
N LYS A 482 17.79 -14.06 -29.03
CA LYS A 482 17.61 -14.92 -30.20
C LYS A 482 16.94 -16.25 -29.81
N ASP A 483 17.32 -16.80 -28.67
CA ASP A 483 16.72 -18.04 -28.19
C ASP A 483 15.24 -17.88 -27.85
N ALA A 484 14.84 -16.66 -27.54
CA ALA A 484 13.47 -16.37 -27.14
C ALA A 484 12.58 -15.95 -28.31
N GLY A 485 13.15 -15.89 -29.51
CA GLY A 485 12.39 -15.47 -30.67
C GLY A 485 12.31 -13.96 -30.85
N MET A 486 13.13 -13.23 -30.10
CA MET A 486 13.16 -11.77 -30.15
C MET A 486 14.57 -11.34 -30.51
N PRO A 487 15.04 -11.70 -31.71
CA PRO A 487 16.46 -11.48 -32.01
C PRO A 487 16.83 -10.00 -32.09
N ILE A 488 17.82 -9.62 -31.31
CA ILE A 488 18.42 -8.30 -31.40
C ILE A 488 19.55 -8.45 -32.41
N GLN A 489 19.37 -7.89 -33.60
CA GLN A 489 20.30 -8.13 -34.70
C GLN A 489 21.48 -7.16 -34.72
N GLY A 490 22.65 -7.68 -35.03
CA GLY A 490 23.83 -6.86 -35.24
C GLY A 490 24.19 -5.92 -34.10
N GLN A 491 24.86 -4.83 -34.46
CA GLN A 491 25.45 -3.91 -33.48
C GLN A 491 24.51 -2.73 -33.29
N PRO A 492 24.57 -2.09 -32.11
CA PRO A 492 23.70 -0.92 -31.92
C PRO A 492 24.06 0.16 -32.94
N CYS A 493 23.09 0.94 -33.37
CA CYS A 493 23.35 2.02 -34.33
C CYS A 493 24.05 3.18 -33.63
N PHE A 494 23.96 3.21 -32.31
CA PHE A 494 24.40 4.36 -31.53
C PHE A 494 24.74 3.88 -30.14
N CYS A 495 25.93 4.23 -29.66
CA CYS A 495 26.36 3.85 -28.33
C CYS A 495 27.22 4.98 -27.79
N LYS A 496 26.70 5.71 -26.81
CA LYS A 496 27.40 6.88 -26.29
C LYS A 496 27.27 7.01 -24.78
N TYR A 497 28.35 7.47 -24.17
CA TYR A 497 28.41 7.80 -22.75
C TYR A 497 27.90 9.20 -22.48
N ALA A 498 27.21 9.37 -21.37
CA ALA A 498 26.76 10.69 -20.95
C ALA A 498 26.79 10.72 -19.44
N GLN A 499 26.48 11.89 -18.86
CA GLN A 499 26.44 12.05 -17.41
C GLN A 499 25.37 13.06 -17.01
N GLY A 500 24.58 12.69 -16.00
CA GLY A 500 23.65 13.61 -15.39
C GLY A 500 22.34 13.70 -16.14
N ALA A 501 21.31 14.10 -15.42
CA ALA A 501 19.95 14.14 -15.93
C ALA A 501 19.81 15.08 -17.12
N ASP A 502 20.49 16.22 -17.03
CA ASP A 502 20.39 17.27 -18.05
C ASP A 502 20.82 16.80 -19.43
N SER A 503 21.57 15.71 -19.49
CA SER A 503 22.05 15.23 -20.78
C SER A 503 21.04 14.29 -21.47
N VAL A 504 20.00 13.88 -20.75
CA VAL A 504 19.07 12.94 -21.34
C VAL A 504 18.30 13.54 -22.52
N GLU A 505 17.63 14.66 -22.29
CA GLU A 505 16.84 15.28 -23.34
C GLU A 505 17.60 15.62 -24.64
N PRO A 506 18.82 16.21 -24.56
CA PRO A 506 19.43 16.48 -25.86
C PRO A 506 19.80 15.21 -26.62
N MET A 507 20.33 14.21 -25.94
CA MET A 507 20.69 12.96 -26.59
C MET A 507 19.49 12.25 -27.20
N PHE A 508 18.38 12.23 -26.47
CA PHE A 508 17.19 11.55 -26.93
C PHE A 508 16.56 12.27 -28.11
N ARG A 509 16.62 13.60 -28.08
CA ARG A 509 16.16 14.41 -29.22
C ARG A 509 16.97 14.16 -30.47
N HIS A 510 18.28 14.03 -30.30
CA HIS A 510 19.17 13.72 -31.41
C HIS A 510 18.81 12.36 -32.00
N LEU A 511 18.63 11.40 -31.11
CA LEU A 511 18.27 10.04 -31.46
C LEU A 511 16.98 10.00 -32.27
N LYS A 512 15.97 10.74 -31.83
CA LYS A 512 14.68 10.75 -32.52
C LYS A 512 14.83 11.45 -33.88
N ASN A 513 15.69 12.46 -33.92
CA ASN A 513 15.89 13.23 -35.15
C ASN A 513 16.62 12.42 -36.19
N THR A 514 17.56 11.61 -35.73
CA THR A 514 18.48 10.93 -36.63
C THR A 514 18.02 9.52 -36.99
N TYR A 515 17.40 8.82 -36.04
CA TYR A 515 16.84 7.50 -36.28
C TYR A 515 15.37 7.52 -35.93
N SER A 516 14.54 7.97 -36.86
CA SER A 516 13.12 8.08 -36.58
C SER A 516 12.52 6.70 -36.45
N GLY A 517 13.22 5.68 -36.94
CA GLY A 517 12.77 4.31 -36.77
C GLY A 517 13.40 3.53 -35.63
N LEU A 518 14.10 4.22 -34.72
CA LEU A 518 14.70 3.57 -33.55
C LEU A 518 13.69 2.68 -32.82
N GLN A 519 14.03 1.42 -32.57
CA GLN A 519 13.06 0.55 -31.92
C GLN A 519 13.22 0.55 -30.40
N LEU A 520 14.46 0.74 -29.94
CA LEU A 520 14.75 0.62 -28.52
C LEU A 520 16.02 1.38 -28.09
N ILE A 521 15.97 1.98 -26.91
CA ILE A 521 17.18 2.47 -26.26
C ILE A 521 17.43 1.69 -24.98
N ILE A 522 18.56 1.00 -24.92
CA ILE A 522 18.98 0.41 -23.66
C ILE A 522 19.79 1.47 -22.89
N VAL A 523 19.26 1.87 -21.74
CA VAL A 523 19.86 2.89 -20.90
C VAL A 523 20.56 2.24 -19.73
N ILE A 524 21.83 2.54 -19.56
CA ILE A 524 22.62 1.94 -18.49
C ILE A 524 22.84 2.92 -17.34
N LEU A 525 22.42 2.52 -16.15
CA LEU A 525 22.29 3.42 -15.01
C LEU A 525 23.23 3.07 -13.88
N PRO A 526 23.75 4.10 -13.20
CA PRO A 526 24.63 3.89 -12.06
C PRO A 526 23.85 3.92 -10.76
N GLY A 527 23.22 2.80 -10.41
CA GLY A 527 22.46 2.69 -9.18
C GLY A 527 21.23 3.57 -9.20
N LYS A 528 20.72 3.90 -8.02
CA LYS A 528 19.59 4.81 -7.91
C LYS A 528 20.03 6.21 -8.33
N THR A 529 19.26 6.81 -9.23
CA THR A 529 19.65 8.09 -9.80
C THR A 529 18.45 8.84 -10.39
N PRO A 530 18.44 10.17 -10.25
CA PRO A 530 17.48 11.11 -10.84
C PRO A 530 17.34 11.00 -12.36
N VAL A 531 18.30 10.37 -13.02
CA VAL A 531 18.21 10.29 -14.48
C VAL A 531 17.13 9.30 -14.92
N TYR A 532 16.85 8.29 -14.08
CA TYR A 532 15.77 7.33 -14.38
C TYR A 532 14.46 8.04 -14.68
N ALA A 533 14.00 8.86 -13.74
CA ALA A 533 12.79 9.66 -13.93
C ALA A 533 12.90 10.55 -15.17
N GLU A 534 14.10 11.06 -15.42
CA GLU A 534 14.32 11.91 -16.58
C GLU A 534 14.22 11.10 -17.87
N VAL A 535 14.83 9.92 -17.89
CA VAL A 535 14.69 9.00 -19.02
C VAL A 535 13.22 8.65 -19.32
N LYS A 536 12.45 8.36 -18.27
CA LYS A 536 11.03 8.05 -18.46
C LYS A 536 10.21 9.29 -18.85
N ARG A 537 10.47 10.43 -18.24
CA ARG A 537 9.80 11.66 -18.66
C ARG A 537 10.04 11.96 -20.14
N VAL A 538 11.30 11.84 -20.56
CA VAL A 538 11.65 12.21 -21.91
C VAL A 538 11.20 11.15 -22.91
N GLY A 539 11.40 9.89 -22.58
CA GLY A 539 11.02 8.81 -23.47
C GLY A 539 9.53 8.54 -23.51
N ASP A 540 8.88 8.50 -22.34
CA ASP A 540 7.46 8.17 -22.26
C ASP A 540 6.58 9.33 -22.74
N THR A 541 6.87 10.55 -22.29
CA THR A 541 5.92 11.66 -22.45
C THR A 541 6.33 12.76 -23.43
N LEU A 542 7.62 13.02 -23.56
CA LEU A 542 8.06 14.11 -24.42
C LEU A 542 8.26 13.70 -25.89
N LEU A 543 8.90 12.55 -26.12
CA LEU A 543 9.32 12.17 -27.47
C LEU A 543 8.70 10.87 -27.99
N GLY A 544 8.18 10.03 -27.10
CA GLY A 544 7.57 8.77 -27.52
C GLY A 544 8.57 7.73 -28.02
N MET A 545 9.53 7.38 -27.17
CA MET A 545 10.52 6.37 -27.52
C MET A 545 10.63 5.31 -26.44
N ALA A 546 10.76 4.07 -26.87
CA ALA A 546 10.83 2.95 -25.96
C ALA A 546 12.23 2.85 -25.35
N THR A 547 12.29 2.71 -24.04
CA THR A 547 13.54 2.62 -23.30
C THR A 547 13.48 1.40 -22.37
N GLN A 548 14.62 0.74 -22.19
CA GLN A 548 14.74 -0.32 -21.20
C GLN A 548 15.93 -0.03 -20.35
N CYS A 549 15.71 0.28 -19.08
CA CYS A 549 16.83 0.63 -18.22
C CYS A 549 17.40 -0.59 -17.55
N VAL A 550 18.71 -0.57 -17.30
CA VAL A 550 19.38 -1.66 -16.60
C VAL A 550 20.51 -1.11 -15.72
N GLN A 551 20.53 -1.56 -14.47
CA GLN A 551 21.56 -1.20 -13.52
C GLN A 551 22.93 -1.66 -14.02
N VAL A 552 23.95 -0.81 -13.87
CA VAL A 552 25.31 -1.15 -14.33
C VAL A 552 25.86 -2.45 -13.71
N LYS A 553 25.51 -2.71 -12.45
CA LYS A 553 25.95 -3.95 -11.79
C LYS A 553 25.40 -5.19 -12.51
N ASN A 554 24.25 -5.05 -13.14
CA ASN A 554 23.67 -6.15 -13.89
C ASN A 554 24.27 -6.28 -15.28
N VAL A 555 24.90 -5.21 -15.74
CA VAL A 555 25.66 -5.21 -16.99
C VAL A 555 27.02 -5.81 -16.73
N VAL A 556 27.57 -5.48 -15.57
CA VAL A 556 28.90 -5.95 -15.21
C VAL A 556 28.90 -7.45 -14.88
N LYS A 557 27.84 -7.91 -14.24
CA LYS A 557 27.72 -9.34 -13.93
C LYS A 557 26.46 -9.91 -14.56
N THR A 558 26.59 -10.42 -15.79
CA THR A 558 25.44 -10.89 -16.55
C THR A 558 25.01 -12.29 -16.14
N SER A 559 23.91 -12.40 -15.42
CA SER A 559 23.30 -13.70 -15.18
C SER A 559 22.26 -14.00 -16.25
N PRO A 560 22.13 -15.27 -16.65
CA PRO A 560 21.17 -15.66 -17.69
C PRO A 560 19.73 -15.31 -17.33
N GLN A 561 19.36 -15.54 -16.08
CA GLN A 561 18.00 -15.30 -15.62
C GLN A 561 17.64 -13.82 -15.78
N THR A 562 18.54 -12.96 -15.34
CA THR A 562 18.35 -11.51 -15.44
C THR A 562 18.19 -11.03 -16.88
N LEU A 563 19.06 -11.48 -17.77
CA LEU A 563 18.95 -11.08 -19.17
C LEU A 563 17.64 -11.60 -19.76
N SER A 564 17.30 -12.84 -19.42
CA SER A 564 16.05 -13.45 -19.91
C SER A 564 14.83 -12.65 -19.49
N ASN A 565 14.78 -12.26 -18.23
CA ASN A 565 13.74 -11.36 -17.73
C ASN A 565 13.66 -10.00 -18.45
N LEU A 566 14.83 -9.44 -18.80
CA LEU A 566 14.88 -8.18 -19.55
C LEU A 566 14.19 -8.34 -20.91
N CYS A 567 14.42 -9.49 -21.55
CA CYS A 567 13.76 -9.81 -22.82
C CYS A 567 12.24 -9.79 -22.73
N LEU A 568 11.71 -10.26 -21.59
CA LEU A 568 10.26 -10.32 -21.36
C LEU A 568 9.66 -8.93 -21.45
N LYS A 569 10.33 -7.97 -20.82
CA LYS A 569 9.88 -6.60 -20.82
C LYS A 569 10.04 -5.96 -22.20
N ILE A 570 11.19 -6.19 -22.81
CA ILE A 570 11.52 -5.56 -24.08
C ILE A 570 10.55 -5.99 -25.17
N ASN A 571 10.30 -7.29 -25.25
CA ASN A 571 9.36 -7.81 -26.24
C ASN A 571 8.00 -7.14 -26.21
N VAL A 572 7.41 -6.99 -25.03
CA VAL A 572 6.07 -6.39 -25.00
C VAL A 572 6.10 -4.88 -25.19
N LYS A 573 7.17 -4.23 -24.73
CA LYS A 573 7.35 -2.80 -24.97
C LYS A 573 7.37 -2.50 -26.47
N LEU A 574 7.88 -3.45 -27.24
CA LEU A 574 7.95 -3.29 -28.69
C LEU A 574 6.74 -3.89 -29.40
N GLY A 575 5.70 -4.26 -28.64
CA GLY A 575 4.44 -4.74 -29.20
C GLY A 575 4.32 -6.24 -29.44
N GLY A 576 5.23 -7.01 -28.84
CA GLY A 576 5.19 -8.45 -28.97
C GLY A 576 4.23 -9.08 -27.97
N ILE A 577 4.03 -10.38 -28.11
CA ILE A 577 3.28 -11.15 -27.12
C ILE A 577 4.17 -12.27 -26.62
N ASN A 578 4.30 -12.38 -25.31
CA ASN A 578 5.22 -13.37 -24.74
C ASN A 578 4.63 -14.78 -24.76
N ASN A 579 3.41 -14.91 -24.26
CA ASN A 579 2.66 -16.16 -24.31
C ASN A 579 1.16 -15.86 -24.21
N ILE A 580 0.32 -16.85 -24.46
CA ILE A 580 -1.13 -16.71 -24.21
C ILE A 580 -1.63 -17.87 -23.35
N LEU A 581 -2.73 -17.66 -22.65
CA LEU A 581 -3.42 -18.79 -22.02
C LEU A 581 -3.83 -19.73 -23.12
N VAL A 582 -3.48 -21.00 -22.98
CA VAL A 582 -4.00 -22.01 -23.90
C VAL A 582 -5.52 -21.85 -23.94
N PRO A 583 -6.07 -21.51 -25.14
CA PRO A 583 -7.42 -20.96 -25.28
C PRO A 583 -8.57 -21.84 -24.79
N HIS A 584 -8.44 -23.16 -24.86
CA HIS A 584 -9.57 -24.03 -24.50
C HIS A 584 -9.87 -24.08 -23.00
N GLN A 585 -8.97 -23.56 -22.18
CA GLN A 585 -9.18 -23.62 -20.73
C GLN A 585 -9.89 -22.37 -20.16
N ARG A 586 -10.24 -21.45 -21.06
CA ARG A 586 -10.83 -20.18 -20.64
C ARG A 586 -12.34 -20.20 -20.29
N SER A 587 -12.75 -19.18 -19.55
CA SER A 587 -14.16 -19.00 -19.21
C SER A 587 -15.00 -18.79 -20.47
N ALA A 588 -16.27 -19.19 -20.37
CA ALA A 588 -17.27 -18.95 -21.42
C ALA A 588 -17.42 -17.45 -21.74
N VAL A 589 -16.91 -16.58 -20.88
CA VAL A 589 -16.85 -15.15 -21.20
C VAL A 589 -16.12 -14.88 -22.52
N PHE A 590 -15.25 -15.79 -22.95
CA PHE A 590 -14.47 -15.55 -24.18
C PHE A 590 -15.20 -15.96 -25.45
N GLN A 591 -16.43 -16.47 -25.33
CA GLN A 591 -17.28 -16.74 -26.48
C GLN A 591 -17.59 -15.47 -27.26
N GLN A 592 -17.48 -14.33 -26.58
CA GLN A 592 -17.78 -13.03 -27.16
C GLN A 592 -16.66 -12.08 -26.78
N PRO A 593 -16.62 -10.91 -27.42
CA PRO A 593 -15.60 -9.94 -27.00
C PRO A 593 -15.78 -9.58 -25.53
N VAL A 594 -14.66 -9.48 -24.82
CA VAL A 594 -14.67 -9.09 -23.42
C VAL A 594 -13.45 -8.23 -23.13
N ILE A 595 -13.63 -7.20 -22.30
CA ILE A 595 -12.49 -6.39 -21.87
C ILE A 595 -12.25 -6.55 -20.36
N PHE A 596 -10.97 -6.67 -19.99
CA PHE A 596 -10.56 -6.71 -18.59
C PHE A 596 -9.91 -5.38 -18.21
N LEU A 597 -10.42 -4.75 -17.15
CA LEU A 597 -9.85 -3.51 -16.64
C LEU A 597 -9.25 -3.72 -15.26
N GLY A 598 -8.21 -2.94 -14.96
CA GLY A 598 -7.63 -2.86 -13.63
C GLY A 598 -7.52 -1.40 -13.25
N ALA A 599 -7.77 -1.08 -11.98
CA ALA A 599 -7.75 0.32 -11.57
C ALA A 599 -7.08 0.47 -10.22
N ASP A 600 -6.40 1.58 -10.03
CA ASP A 600 -5.70 1.83 -8.80
C ASP A 600 -5.56 3.32 -8.62
N VAL A 601 -5.39 3.76 -7.38
CA VAL A 601 -5.06 5.14 -7.10
C VAL A 601 -3.95 5.19 -6.06
N THR A 602 -2.99 6.09 -6.27
CA THR A 602 -1.92 6.24 -5.30
C THR A 602 -1.97 7.65 -4.79
N HIS A 603 -1.77 7.76 -3.49
CA HIS A 603 -1.88 9.03 -2.84
C HIS A 603 -0.49 9.55 -2.58
N PRO A 604 -0.35 10.88 -2.43
CA PRO A 604 0.97 11.42 -2.09
C PRO A 604 1.36 11.06 -0.66
N PRO A 605 2.63 10.69 -0.46
CA PRO A 605 3.34 10.52 0.82
C PRO A 605 2.86 11.47 1.91
N ALA A 606 2.92 11.02 3.16
CA ALA A 606 2.59 11.86 4.31
C ALA A 606 3.40 13.16 4.31
N GLY A 607 2.76 14.25 4.74
CA GLY A 607 3.38 15.56 4.67
C GLY A 607 2.88 16.27 3.44
N ASP A 608 3.22 15.70 2.28
CA ASP A 608 2.69 16.17 0.99
C ASP A 608 1.17 16.21 0.98
N GLY A 609 0.62 17.39 0.75
CA GLY A 609 -0.80 17.53 0.52
C GLY A 609 -0.93 18.34 -0.75
N LYS A 610 0.16 19.00 -1.12
CA LYS A 610 0.24 19.75 -2.36
C LYS A 610 0.13 18.82 -3.56
N LYS A 611 0.92 17.75 -3.53
CA LYS A 611 1.04 16.85 -4.65
C LYS A 611 -0.27 16.11 -4.89
N PRO A 612 -0.56 15.79 -6.16
CA PRO A 612 -1.84 15.16 -6.45
C PRO A 612 -1.88 13.67 -6.12
N SER A 613 -3.09 13.16 -5.98
CA SER A 613 -3.28 11.72 -6.06
C SER A 613 -3.31 11.35 -7.53
N ILE A 614 -2.95 10.11 -7.84
CA ILE A 614 -2.84 9.62 -9.21
C ILE A 614 -3.82 8.47 -9.42
N THR A 615 -4.64 8.54 -10.48
CA THR A 615 -5.53 7.45 -10.82
C THR A 615 -5.09 6.79 -12.12
N ALA A 616 -5.18 5.46 -12.15
CA ALA A 616 -4.75 4.69 -13.32
C ALA A 616 -5.76 3.61 -13.67
N VAL A 617 -6.10 3.52 -14.95
CA VAL A 617 -6.96 2.45 -15.43
C VAL A 617 -6.32 1.83 -16.67
N VAL A 618 -6.13 0.52 -16.64
CA VAL A 618 -5.64 -0.22 -17.80
C VAL A 618 -6.73 -1.12 -18.34
N GLY A 619 -6.58 -1.54 -19.59
CA GLY A 619 -7.58 -2.34 -20.25
C GLY A 619 -6.97 -3.22 -21.30
N SER A 620 -7.48 -4.45 -21.41
CA SER A 620 -6.97 -5.44 -22.35
C SER A 620 -7.37 -5.01 -23.76
N MET A 621 -6.55 -5.43 -24.71
CA MET A 621 -6.70 -4.95 -26.08
C MET A 621 -6.74 -6.10 -27.11
N ASP A 622 -6.86 -7.32 -26.62
CA ASP A 622 -6.99 -8.48 -27.49
C ASP A 622 -7.78 -9.55 -26.73
N ALA A 623 -8.01 -10.69 -27.36
CA ALA A 623 -8.90 -11.70 -26.78
C ALA A 623 -8.15 -12.78 -26.02
N HIS A 624 -6.86 -12.61 -25.80
CA HIS A 624 -6.05 -13.70 -25.24
C HIS A 624 -6.28 -13.96 -23.75
N PRO A 625 -6.24 -12.91 -22.89
CA PRO A 625 -5.84 -11.49 -23.00
C PRO A 625 -4.38 -11.24 -22.60
N SER A 626 -3.62 -10.51 -23.42
CA SER A 626 -2.18 -10.32 -23.14
C SER A 626 -1.78 -8.86 -23.10
N ARG A 627 -2.14 -8.16 -24.17
CA ARG A 627 -1.75 -6.78 -24.36
C ARG A 627 -2.73 -5.86 -23.64
N TYR A 628 -2.18 -4.83 -23.00
CA TYR A 628 -2.97 -3.86 -22.27
C TYR A 628 -2.59 -2.44 -22.64
N CYS A 629 -3.58 -1.54 -22.67
CA CYS A 629 -3.31 -0.10 -22.80
C CYS A 629 -3.65 0.59 -21.48
N ALA A 630 -3.02 1.74 -21.27
CA ALA A 630 -3.12 2.43 -20.00
C ALA A 630 -3.68 3.83 -20.15
N THR A 631 -4.46 4.24 -19.17
CA THR A 631 -4.88 5.63 -19.03
C THR A 631 -4.50 6.09 -17.62
N VAL A 632 -4.24 7.38 -17.46
CA VAL A 632 -3.76 7.85 -16.17
C VAL A 632 -4.26 9.28 -15.97
N ARG A 633 -4.53 9.66 -14.73
CA ARG A 633 -4.96 11.02 -14.44
C ARG A 633 -4.41 11.49 -13.11
N VAL A 634 -4.46 12.79 -12.93
CA VAL A 634 -4.13 13.44 -11.69
C VAL A 634 -5.44 13.97 -11.11
N GLN A 635 -5.59 13.92 -9.79
CA GLN A 635 -6.78 14.49 -9.17
C GLN A 635 -6.48 15.00 -7.77
N ARG A 636 -7.45 15.71 -7.21
CA ARG A 636 -7.41 16.22 -5.84
C ARG A 636 -6.78 15.23 -4.85
N PRO A 637 -5.79 15.71 -4.07
CA PRO A 637 -5.06 14.88 -3.12
C PRO A 637 -5.97 14.18 -2.11
N ARG A 638 -5.71 12.89 -1.87
CA ARG A 638 -6.41 12.04 -0.90
C ARG A 638 -7.79 11.50 -1.33
N GLN A 639 -8.30 11.94 -2.47
CA GLN A 639 -9.57 11.43 -2.96
C GLN A 639 -9.40 10.00 -3.44
N GLU A 640 -10.25 9.11 -2.96
CA GLU A 640 -10.16 7.70 -3.31
C GLU A 640 -10.99 7.35 -4.54
N ILE A 641 -12.12 8.03 -4.70
CA ILE A 641 -12.95 7.87 -5.88
C ILE A 641 -12.12 8.18 -7.11
N ILE A 642 -12.24 7.36 -8.14
CA ILE A 642 -11.57 7.69 -9.40
C ILE A 642 -12.44 8.66 -10.18
N GLU A 643 -12.15 9.95 -10.03
CA GLU A 643 -13.02 10.99 -10.55
C GLU A 643 -13.24 10.98 -12.08
N ASP A 644 -12.19 10.76 -12.87
CA ASP A 644 -12.38 10.77 -14.33
C ASP A 644 -12.66 9.38 -14.87
N LEU A 645 -13.11 8.46 -14.02
CA LEU A 645 -13.33 7.07 -14.43
C LEU A 645 -14.16 6.89 -15.71
N SER A 646 -15.27 7.60 -15.83
CA SER A 646 -16.09 7.49 -17.03
C SER A 646 -15.33 7.84 -18.30
N TYR A 647 -14.61 8.97 -18.29
CA TYR A 647 -13.76 9.37 -19.41
C TYR A 647 -12.71 8.31 -19.73
N MET A 648 -12.10 7.78 -18.68
CA MET A 648 -10.99 6.85 -18.83
C MET A 648 -11.43 5.51 -19.43
N VAL A 649 -12.54 4.99 -18.94
CA VAL A 649 -13.10 3.74 -19.46
C VAL A 649 -13.47 3.94 -20.93
N ARG A 650 -14.10 5.07 -21.22
CA ARG A 650 -14.48 5.39 -22.59
C ARG A 650 -13.28 5.33 -23.56
N GLU A 651 -12.14 5.94 -23.17
CA GLU A 651 -10.91 5.89 -23.96
C GLU A 651 -10.47 4.47 -24.23
N LEU A 652 -10.46 3.66 -23.17
CA LEU A 652 -10.08 2.26 -23.29
C LEU A 652 -11.01 1.48 -24.22
N LEU A 653 -12.31 1.71 -24.11
CA LEU A 653 -13.29 0.99 -24.92
C LEU A 653 -13.13 1.37 -26.37
N ILE A 654 -12.79 2.63 -26.61
CA ILE A 654 -12.63 3.14 -27.96
C ILE A 654 -11.36 2.53 -28.55
N GLN A 655 -10.32 2.42 -27.72
CA GLN A 655 -9.06 1.83 -28.14
C GLN A 655 -9.19 0.31 -28.39
N PHE A 656 -9.93 -0.37 -27.54
CA PHE A 656 -10.26 -1.77 -27.74
C PHE A 656 -10.92 -1.97 -29.11
N TYR A 657 -11.92 -1.15 -29.39
CA TYR A 657 -12.60 -1.23 -30.68
C TYR A 657 -11.68 -0.97 -31.86
N LYS A 658 -10.79 0.01 -31.74
CA LYS A 658 -9.83 0.31 -32.81
C LYS A 658 -8.93 -0.89 -33.09
N SER A 659 -8.57 -1.63 -32.05
CA SER A 659 -7.58 -2.70 -32.17
C SER A 659 -8.16 -4.04 -32.55
N THR A 660 -9.40 -4.32 -32.15
CA THR A 660 -9.96 -5.65 -32.41
C THR A 660 -11.13 -5.57 -33.38
N ARG A 661 -11.64 -4.36 -33.57
CA ARG A 661 -12.83 -4.13 -34.37
C ARG A 661 -14.11 -4.72 -33.76
N PHE A 662 -14.12 -5.00 -32.46
CA PHE A 662 -15.37 -5.40 -31.77
C PHE A 662 -15.63 -4.53 -30.56
N LYS A 663 -16.90 -4.39 -30.20
CA LYS A 663 -17.26 -3.82 -28.91
C LYS A 663 -17.36 -4.96 -27.88
N PRO A 664 -16.75 -4.78 -26.71
CA PRO A 664 -16.91 -5.83 -25.71
C PRO A 664 -18.37 -5.99 -25.27
N THR A 665 -18.81 -7.22 -25.03
CA THR A 665 -20.16 -7.45 -24.55
C THR A 665 -20.16 -7.54 -23.02
N ARG A 666 -18.95 -7.58 -22.45
CA ARG A 666 -18.77 -7.69 -21.01
C ARG A 666 -17.52 -6.91 -20.56
N ILE A 667 -17.61 -6.37 -19.35
CA ILE A 667 -16.53 -5.60 -18.77
C ILE A 667 -16.23 -6.18 -17.40
N ILE A 668 -15.02 -6.71 -17.24
CA ILE A 668 -14.59 -7.26 -15.96
C ILE A 668 -13.59 -6.31 -15.29
N PHE A 669 -14.01 -5.70 -14.19
CA PHE A 669 -13.30 -4.59 -13.55
C PHE A 669 -12.71 -4.97 -12.19
N TYR A 670 -11.38 -5.01 -12.11
CA TYR A 670 -10.65 -5.30 -10.86
C TYR A 670 -10.14 -4.01 -10.27
N ARG A 671 -10.66 -3.68 -9.09
CA ARG A 671 -10.37 -2.43 -8.41
C ARG A 671 -9.48 -2.74 -7.22
N ASP A 672 -8.38 -2.02 -7.10
CA ASP A 672 -7.60 -2.15 -5.88
C ASP A 672 -8.39 -1.75 -4.63
N GLY A 673 -8.11 -2.45 -3.53
CA GLY A 673 -8.76 -2.19 -2.25
C GLY A 673 -8.84 -0.73 -1.86
N VAL A 674 -9.94 -0.41 -1.18
CA VAL A 674 -10.16 0.94 -0.69
C VAL A 674 -10.47 0.81 0.80
N PRO A 675 -10.57 1.94 1.52
CA PRO A 675 -11.02 1.81 2.90
C PRO A 675 -12.48 1.32 3.01
N GLU A 676 -12.69 0.27 3.78
CA GLU A 676 -14.00 -0.35 3.96
C GLU A 676 -15.16 0.64 4.13
N GLY A 677 -14.96 1.63 5.00
CA GLY A 677 -16.01 2.59 5.32
C GLY A 677 -16.39 3.55 4.20
N GLN A 678 -15.60 3.58 3.13
CA GLN A 678 -15.89 4.51 2.03
C GLN A 678 -16.42 3.82 0.77
N LEU A 679 -16.25 2.51 0.67
CA LEU A 679 -16.62 1.79 -0.55
C LEU A 679 -18.11 1.80 -0.99
N PRO A 680 -19.05 2.11 -0.09
CA PRO A 680 -20.38 2.31 -0.67
C PRO A 680 -20.37 3.53 -1.57
N GLN A 681 -19.71 4.59 -1.13
CA GLN A 681 -19.61 5.81 -1.91
C GLN A 681 -18.78 5.55 -3.16
N ILE A 682 -17.68 4.81 -2.99
CA ILE A 682 -16.80 4.45 -4.09
C ILE A 682 -17.57 3.69 -5.14
N LEU A 683 -18.29 2.65 -4.70
CA LEU A 683 -19.04 1.79 -5.60
C LEU A 683 -20.11 2.57 -6.34
N HIS A 684 -20.85 3.38 -5.59
CA HIS A 684 -21.93 4.14 -6.20
C HIS A 684 -21.39 5.02 -7.33
N TYR A 685 -20.29 5.73 -7.08
CA TYR A 685 -19.69 6.60 -8.09
C TYR A 685 -19.11 5.81 -9.26
N GLU A 686 -18.31 4.80 -8.96
CA GLU A 686 -17.51 4.16 -9.99
C GLU A 686 -18.33 3.23 -10.89
N LEU A 687 -19.27 2.50 -10.30
CA LEU A 687 -20.16 1.66 -11.08
C LEU A 687 -20.96 2.55 -12.01
N LEU A 688 -21.46 3.66 -11.49
CA LEU A 688 -22.20 4.60 -12.35
C LEU A 688 -21.33 5.15 -13.48
N ALA A 689 -20.06 5.47 -13.17
CA ALA A 689 -19.16 6.03 -14.17
C ALA A 689 -18.91 5.03 -15.30
N ILE A 690 -18.65 3.78 -14.94
CA ILE A 690 -18.44 2.73 -15.94
C ILE A 690 -19.66 2.58 -16.84
N ARG A 691 -20.84 2.55 -16.21
CA ARG A 691 -22.11 2.49 -16.94
C ARG A 691 -22.23 3.71 -17.86
N ASP A 692 -21.96 4.88 -17.30
CA ASP A 692 -22.03 6.13 -18.03
C ASP A 692 -21.12 6.12 -19.27
N ALA A 693 -19.93 5.55 -19.11
CA ALA A 693 -18.99 5.46 -20.23
C ALA A 693 -19.58 4.69 -21.41
N CYS A 694 -20.31 3.61 -21.11
CA CYS A 694 -20.99 2.79 -22.12
C CYS A 694 -22.15 3.56 -22.74
N ILE A 695 -22.97 4.13 -21.88
CA ILE A 695 -24.15 4.88 -22.30
C ILE A 695 -23.78 6.08 -23.18
N LYS A 696 -22.69 6.75 -22.85
CA LYS A 696 -22.26 7.92 -23.59
C LYS A 696 -21.48 7.58 -24.87
N LEU A 697 -21.19 6.30 -25.06
CA LEU A 697 -20.47 5.84 -26.23
C LEU A 697 -21.41 5.66 -27.44
N GLU A 698 -22.58 5.08 -27.21
CA GLU A 698 -23.46 4.67 -28.29
C GLU A 698 -24.83 4.32 -27.73
N LYS A 699 -25.89 4.64 -28.45
CA LYS A 699 -27.21 4.15 -28.07
C LYS A 699 -27.22 2.62 -27.98
N ASP A 700 -27.95 2.09 -27.00
CA ASP A 700 -28.23 0.66 -26.92
C ASP A 700 -26.97 -0.19 -26.78
N TYR A 701 -25.96 0.35 -26.12
CA TYR A 701 -24.76 -0.39 -25.81
C TYR A 701 -24.73 -0.63 -24.31
N GLN A 702 -25.10 -1.84 -23.90
CA GLN A 702 -25.20 -2.17 -22.48
C GLN A 702 -24.43 -3.43 -22.12
N PRO A 703 -23.10 -3.36 -22.14
CA PRO A 703 -22.38 -4.59 -21.78
C PRO A 703 -22.57 -4.93 -20.31
N GLY A 704 -22.52 -6.21 -19.96
CA GLY A 704 -22.59 -6.61 -18.56
C GLY A 704 -21.32 -6.28 -17.78
N ILE A 705 -21.48 -5.68 -16.61
CA ILE A 705 -20.36 -5.28 -15.78
C ILE A 705 -20.18 -6.19 -14.58
N THR A 706 -18.95 -6.65 -14.37
CA THR A 706 -18.56 -7.29 -13.13
C THR A 706 -17.50 -6.40 -12.45
N TYR A 707 -17.77 -6.01 -11.22
CA TYR A 707 -16.90 -5.13 -10.47
C TYR A 707 -16.35 -5.88 -9.26
N ILE A 708 -15.04 -6.08 -9.23
CA ILE A 708 -14.40 -6.86 -8.18
C ILE A 708 -13.32 -6.04 -7.48
N VAL A 709 -13.41 -5.88 -6.17
CA VAL A 709 -12.32 -5.25 -5.44
C VAL A 709 -11.32 -6.26 -4.92
N VAL A 710 -10.04 -6.00 -5.17
CA VAL A 710 -8.99 -6.87 -4.72
C VAL A 710 -8.22 -6.22 -3.58
N GLN A 711 -8.06 -6.94 -2.47
CA GLN A 711 -7.38 -6.42 -1.30
C GLN A 711 -6.23 -7.33 -0.89
N LYS A 712 -5.03 -6.75 -0.76
CA LYS A 712 -3.89 -7.43 -0.18
C LYS A 712 -3.65 -6.85 1.20
N ARG A 713 -4.30 -5.73 1.48
CA ARG A 713 -4.00 -4.98 2.70
C ARG A 713 -4.92 -5.37 3.84
N HIS A 714 -4.72 -6.59 4.35
CA HIS A 714 -5.55 -7.10 5.43
C HIS A 714 -4.66 -8.01 6.26
N HIS A 715 -5.20 -8.55 7.33
CA HIS A 715 -4.41 -9.37 8.22
C HIS A 715 -4.82 -10.83 8.31
N THR A 716 -5.54 -11.31 7.32
CA THR A 716 -5.89 -12.73 7.41
C THR A 716 -4.76 -13.59 6.84
N ARG A 717 -4.35 -14.59 7.62
CA ARG A 717 -3.29 -15.51 7.21
C ARG A 717 -3.80 -16.95 7.21
N LEU A 718 -3.32 -17.72 6.25
CA LEU A 718 -3.72 -19.11 6.12
C LEU A 718 -2.47 -20.00 6.21
N PHE A 719 -2.59 -21.09 6.95
CA PHE A 719 -1.47 -22.01 7.12
C PHE A 719 -1.96 -23.43 6.82
N CYS A 720 -1.09 -24.26 6.25
CA CYS A 720 -1.37 -25.69 6.09
C CYS A 720 -1.59 -26.35 7.45
N ALA A 721 -2.70 -27.06 7.62
CA ALA A 721 -2.88 -27.87 8.83
C ALA A 721 -1.90 -29.05 8.84
N ASP A 722 -1.64 -29.64 7.68
CA ASP A 722 -0.75 -30.79 7.58
C ASP A 722 0.65 -30.31 7.24
N LYS A 723 1.55 -30.47 8.20
CA LYS A 723 2.96 -30.10 8.07
C LYS A 723 3.51 -30.50 6.70
N ASN A 724 3.12 -31.67 6.21
CA ASN A 724 3.64 -32.18 4.94
C ASN A 724 3.16 -31.46 3.68
N GLU A 725 2.20 -30.54 3.83
CA GLU A 725 1.67 -29.83 2.67
C GLU A 725 2.35 -28.47 2.48
N ARG A 726 3.15 -28.08 3.46
CA ARG A 726 3.86 -26.80 3.47
C ARG A 726 4.87 -26.73 2.33
N ILE A 727 4.96 -25.58 1.67
CA ILE A 727 5.82 -25.47 0.50
C ILE A 727 6.99 -24.52 0.67
N GLY A 728 8.18 -24.99 0.27
CA GLY A 728 9.38 -24.18 0.26
C GLY A 728 10.00 -23.97 1.63
N LYS A 729 11.07 -23.18 1.66
CA LYS A 729 11.78 -22.81 2.88
C LYS A 729 10.84 -22.06 3.82
N SER A 730 9.98 -21.24 3.23
CA SER A 730 9.04 -20.44 3.98
C SER A 730 7.84 -21.26 4.50
N GLY A 731 7.64 -22.46 3.94
CA GLY A 731 6.59 -23.35 4.37
C GLY A 731 5.18 -22.81 4.19
N ASN A 732 4.93 -22.14 3.06
CA ASN A 732 3.62 -21.54 2.82
C ASN A 732 2.63 -22.47 2.11
N ILE A 733 1.37 -22.05 2.07
CA ILE A 733 0.33 -22.78 1.34
C ILE A 733 0.64 -22.74 -0.16
N PRO A 734 0.19 -23.76 -0.92
CA PRO A 734 0.51 -23.82 -2.35
C PRO A 734 -0.09 -22.67 -3.17
N ALA A 735 0.53 -22.30 -4.29
CA ALA A 735 -0.08 -21.29 -5.14
C ALA A 735 -1.36 -21.88 -5.68
N GLY A 736 -2.46 -21.14 -5.58
CA GLY A 736 -3.73 -21.64 -6.07
C GLY A 736 -4.74 -21.96 -4.98
N THR A 737 -4.36 -21.87 -3.70
CA THR A 737 -5.33 -22.25 -2.68
C THR A 737 -6.40 -21.19 -2.53
N THR A 738 -7.65 -21.66 -2.50
CA THR A 738 -8.83 -20.81 -2.52
C THR A 738 -9.74 -21.15 -1.34
N VAL A 739 -10.26 -20.12 -0.69
CA VAL A 739 -11.19 -20.28 0.42
C VAL A 739 -12.40 -19.40 0.19
N ASP A 740 -13.59 -20.00 0.23
CA ASP A 740 -14.83 -19.24 0.05
C ASP A 740 -15.93 -19.64 1.04
N THR A 741 -15.50 -20.28 2.12
CA THR A 741 -16.41 -20.63 3.22
C THR A 741 -15.77 -20.29 4.55
N ASN A 742 -16.61 -20.24 5.58
CA ASN A 742 -16.13 -20.25 6.97
C ASN A 742 -15.56 -18.92 7.44
N ILE A 743 -14.49 -18.44 6.81
CA ILE A 743 -13.92 -17.16 7.22
C ILE A 743 -14.40 -16.00 6.33
N THR A 744 -15.15 -16.34 5.28
CA THR A 744 -15.66 -15.33 4.35
C THR A 744 -17.02 -14.75 4.79
N HIS A 745 -17.57 -13.88 3.96
CA HIS A 745 -18.82 -13.19 4.29
C HIS A 745 -19.97 -14.19 4.44
N PRO A 746 -20.87 -13.95 5.40
CA PRO A 746 -22.05 -14.78 5.65
C PRO A 746 -23.05 -14.86 4.49
N PHE A 747 -23.17 -13.83 3.65
CA PHE A 747 -24.10 -13.97 2.52
C PHE A 747 -23.67 -13.35 1.19
N GLU A 748 -22.64 -12.51 1.21
CA GLU A 748 -22.16 -11.88 -0.04
C GLU A 748 -21.05 -12.67 -0.73
N PHE A 749 -20.73 -12.25 -1.94
CA PHE A 749 -19.87 -13.01 -2.84
C PHE A 749 -18.39 -12.55 -2.69
N ASP A 750 -17.65 -13.25 -1.84
CA ASP A 750 -16.23 -12.95 -1.60
C ASP A 750 -15.39 -14.22 -1.42
N PHE A 751 -14.12 -14.16 -1.81
CA PHE A 751 -13.21 -15.30 -1.60
C PHE A 751 -11.74 -14.89 -1.41
N TYR A 752 -10.98 -15.78 -0.79
CA TYR A 752 -9.56 -15.61 -0.72
C TYR A 752 -8.93 -16.51 -1.74
N LEU A 753 -7.94 -15.97 -2.45
CA LEU A 753 -7.18 -16.76 -3.39
C LEU A 753 -5.73 -16.38 -3.25
N CYS A 754 -4.93 -17.31 -2.78
CA CYS A 754 -3.50 -17.10 -2.72
C CYS A 754 -2.93 -17.59 -4.05
N SER A 755 -2.71 -16.67 -4.97
CA SER A 755 -2.41 -17.04 -6.35
C SER A 755 -0.95 -17.37 -6.58
N HIS A 756 -0.10 -16.97 -5.64
CA HIS A 756 1.35 -17.01 -5.83
C HIS A 756 2.05 -17.97 -4.89
N ALA A 757 3.23 -18.41 -5.33
CA ALA A 757 4.14 -19.19 -4.49
C ALA A 757 4.78 -18.29 -3.45
N GLY A 758 4.78 -18.74 -2.20
CA GLY A 758 5.41 -17.97 -1.13
C GLY A 758 6.91 -18.15 -1.17
N ILE A 759 7.64 -17.07 -1.34
CA ILE A 759 9.10 -17.13 -1.42
C ILE A 759 9.72 -16.87 -0.07
N GLN A 760 9.23 -15.84 0.61
CA GLN A 760 9.77 -15.46 1.91
C GLN A 760 8.66 -15.12 2.87
N GLY A 761 8.93 -15.34 4.16
CA GLY A 761 7.99 -14.97 5.19
C GLY A 761 6.67 -15.70 5.03
N THR A 762 5.59 -15.04 5.42
CA THR A 762 4.28 -15.62 5.35
C THR A 762 3.51 -14.94 4.24
N SER A 763 3.01 -15.76 3.31
CA SER A 763 2.17 -15.28 2.23
C SER A 763 0.96 -14.49 2.73
N ARG A 764 0.50 -13.57 1.90
CA ARG A 764 -0.74 -12.83 2.10
C ARG A 764 -1.70 -13.32 1.03
N PRO A 765 -2.81 -13.95 1.43
CA PRO A 765 -3.73 -14.30 0.36
C PRO A 765 -4.52 -13.08 -0.09
N SER A 766 -4.62 -12.83 -1.40
CA SER A 766 -5.45 -11.74 -1.86
C SER A 766 -6.92 -12.03 -1.57
N HIS A 767 -7.66 -10.99 -1.20
CA HIS A 767 -9.09 -11.12 -0.97
C HIS A 767 -9.91 -10.46 -2.09
N TYR A 768 -10.90 -11.19 -2.60
CA TYR A 768 -11.74 -10.69 -3.68
C TYR A 768 -13.19 -10.51 -3.25
N TYR A 769 -13.67 -9.28 -3.43
CA TYR A 769 -15.04 -8.95 -3.08
C TYR A 769 -15.80 -8.55 -4.35
N VAL A 770 -16.84 -9.30 -4.69
CA VAL A 770 -17.65 -8.97 -5.87
C VAL A 770 -18.75 -7.97 -5.50
N LEU A 771 -18.63 -6.73 -5.95
CA LEU A 771 -19.59 -5.72 -5.56
C LEU A 771 -20.73 -5.58 -6.57
N TRP A 772 -20.52 -6.13 -7.76
CA TRP A 772 -21.51 -6.02 -8.81
C TRP A 772 -21.24 -7.07 -9.86
N ASP A 773 -22.31 -7.71 -10.33
CA ASP A 773 -22.18 -8.76 -11.34
C ASP A 773 -23.40 -8.92 -12.26
N ASP A 774 -23.44 -8.17 -13.33
CA ASP A 774 -24.48 -8.36 -14.35
C ASP A 774 -24.30 -9.72 -15.03
N ASN A 775 -23.11 -10.30 -14.89
CA ASN A 775 -22.73 -11.43 -15.73
C ASN A 775 -23.00 -12.81 -15.12
N ARG A 776 -23.51 -12.81 -13.89
CA ARG A 776 -23.91 -14.02 -13.18
C ARG A 776 -22.86 -15.15 -13.21
N PHE A 777 -21.64 -14.80 -12.85
CA PHE A 777 -20.59 -15.77 -12.72
C PHE A 777 -20.98 -16.75 -11.64
N THR A 778 -20.62 -18.01 -11.86
CA THR A 778 -20.65 -18.97 -10.76
C THR A 778 -19.36 -18.80 -9.97
N ALA A 779 -19.29 -19.42 -8.80
CA ALA A 779 -18.11 -19.30 -7.96
C ALA A 779 -16.85 -19.81 -8.68
N ASP A 780 -16.93 -21.03 -9.20
CA ASP A 780 -15.82 -21.66 -9.91
C ASP A 780 -15.35 -20.83 -11.10
N GLU A 781 -16.28 -20.35 -11.92
CA GLU A 781 -15.93 -19.62 -13.12
C GLU A 781 -15.11 -18.39 -12.75
N LEU A 782 -15.57 -17.67 -11.74
CA LEU A 782 -14.93 -16.45 -11.33
C LEU A 782 -13.63 -16.68 -10.55
N GLN A 783 -13.55 -17.74 -9.76
CA GLN A 783 -12.31 -18.01 -9.05
C GLN A 783 -11.25 -18.49 -10.05
N ILE A 784 -11.67 -19.35 -10.98
CA ILE A 784 -10.74 -19.82 -12.01
C ILE A 784 -10.26 -18.66 -12.91
N LEU A 785 -11.18 -17.79 -13.33
CA LEU A 785 -10.81 -16.70 -14.21
C LEU A 785 -9.80 -15.79 -13.52
N THR A 786 -10.00 -15.52 -12.24
CA THR A 786 -9.15 -14.62 -11.49
C THR A 786 -7.75 -15.22 -11.35
N TYR A 787 -7.70 -16.51 -11.12
CA TYR A 787 -6.45 -17.23 -11.01
C TYR A 787 -5.67 -17.25 -12.33
N GLN A 788 -6.38 -17.51 -13.43
CA GLN A 788 -5.78 -17.51 -14.76
C GLN A 788 -5.13 -16.14 -15.08
N LEU A 789 -5.79 -15.06 -14.66
CA LEU A 789 -5.29 -13.71 -14.93
C LEU A 789 -4.00 -13.41 -14.18
N CYS A 790 -3.76 -14.14 -13.09
CA CYS A 790 -2.49 -14.00 -12.36
C CYS A 790 -1.34 -14.66 -13.10
N HIS A 791 -1.66 -15.45 -14.13
CA HIS A 791 -0.64 -16.10 -14.95
C HIS A 791 -0.36 -15.37 -16.27
N THR A 792 -0.96 -14.20 -16.47
CA THR A 792 -0.78 -13.47 -17.72
C THR A 792 0.16 -12.28 -17.56
N TYR A 793 0.74 -12.13 -16.38
CA TYR A 793 1.60 -10.98 -16.09
C TYR A 793 2.93 -11.08 -16.86
N VAL A 794 3.21 -10.08 -17.69
CA VAL A 794 4.32 -10.20 -18.64
C VAL A 794 5.73 -10.19 -18.07
N ARG A 795 5.91 -9.62 -16.88
CA ARG A 795 7.27 -9.37 -16.37
C ARG A 795 7.97 -10.57 -15.73
N CYS A 796 7.27 -11.69 -15.56
CA CYS A 796 7.93 -12.89 -15.04
C CYS A 796 7.16 -14.15 -15.42
N THR A 797 7.86 -15.28 -15.41
CA THR A 797 7.22 -16.57 -15.68
C THR A 797 6.81 -17.17 -14.34
N ARG A 798 5.89 -16.48 -13.67
CA ARG A 798 5.41 -16.84 -12.35
C ARG A 798 3.97 -16.35 -12.23
N SER A 799 3.16 -17.09 -11.50
CA SER A 799 1.85 -16.62 -11.11
C SER A 799 2.01 -15.53 -10.05
N VAL A 800 1.44 -14.35 -10.28
CA VAL A 800 1.61 -13.24 -9.33
C VAL A 800 0.42 -13.12 -8.37
N SER A 801 0.55 -12.28 -7.35
CA SER A 801 -0.38 -12.28 -6.24
C SER A 801 -1.73 -11.62 -6.53
N ILE A 802 -1.80 -10.85 -7.60
CA ILE A 802 -3.07 -10.21 -7.98
C ILE A 802 -3.18 -10.34 -9.50
N PRO A 803 -4.39 -10.18 -10.06
CA PRO A 803 -4.52 -10.33 -11.51
C PRO A 803 -3.67 -9.30 -12.27
N ALA A 804 -3.12 -9.71 -13.41
CA ALA A 804 -2.28 -8.82 -14.22
C ALA A 804 -2.86 -7.39 -14.40
N PRO A 805 -4.16 -7.24 -14.77
CA PRO A 805 -4.70 -5.88 -14.96
C PRO A 805 -4.51 -4.99 -13.73
N ALA A 806 -4.82 -5.52 -12.54
CA ALA A 806 -4.67 -4.73 -11.33
C ALA A 806 -3.20 -4.39 -11.08
N TYR A 807 -2.33 -5.31 -11.40
CA TYR A 807 -0.92 -5.10 -11.17
C TYR A 807 -0.39 -3.99 -12.12
N TYR A 808 -0.80 -4.06 -13.38
CA TYR A 808 -0.40 -3.05 -14.37
C TYR A 808 -0.88 -1.67 -13.95
N ALA A 809 -2.07 -1.61 -13.35
CA ALA A 809 -2.58 -0.31 -12.91
C ALA A 809 -1.66 0.34 -11.88
N ARG A 810 -1.13 -0.49 -10.98
CA ARG A 810 -0.18 -0.04 -9.97
C ARG A 810 1.08 0.49 -10.66
N LEU A 811 1.60 -0.29 -11.61
CA LEU A 811 2.79 0.11 -12.33
C LEU A 811 2.59 1.45 -13.04
N VAL A 812 1.43 1.61 -13.68
CA VAL A 812 1.09 2.81 -14.42
C VAL A 812 1.02 4.00 -13.48
N ALA A 813 0.39 3.81 -12.33
CA ALA A 813 0.32 4.91 -11.37
C ALA A 813 1.71 5.26 -10.86
N PHE A 814 2.55 4.25 -10.62
CA PHE A 814 3.91 4.51 -10.16
C PHE A 814 4.76 5.20 -11.22
N ARG A 815 4.56 4.87 -12.48
CA ARG A 815 5.32 5.51 -13.55
C ARG A 815 4.96 7.01 -13.63
N ALA A 816 3.68 7.32 -13.45
CA ALA A 816 3.24 8.71 -13.52
C ALA A 816 3.83 9.53 -12.40
N ARG A 817 4.10 8.92 -11.26
CA ARG A 817 4.80 9.63 -10.19
C ARG A 817 6.21 10.06 -10.65
N TYR A 818 6.89 9.19 -11.39
CA TYR A 818 8.17 9.55 -12.01
C TYR A 818 8.04 10.66 -13.05
N HIS A 819 6.97 10.66 -13.83
CA HIS A 819 6.76 11.71 -14.82
C HIS A 819 6.55 13.09 -14.17
N LEU A 820 6.06 13.09 -12.94
CA LEU A 820 5.78 14.34 -12.25
C LEU A 820 7.02 14.92 -11.59
N VAL A 821 8.08 14.11 -11.49
CA VAL A 821 9.30 14.60 -10.87
C VAL A 821 9.82 15.76 -11.71
N ASP A 822 9.92 16.95 -11.11
CA ASP A 822 10.24 18.13 -11.88
C ASP A 822 11.68 18.61 -11.67
N LYS A 823 12.33 18.07 -10.66
CA LYS A 823 13.75 18.31 -10.41
C LYS A 823 14.11 19.79 -10.19
N ARG A 840 -0.20 27.29 -15.75
CA ARG A 840 -0.93 27.13 -14.50
C ARG A 840 -0.76 25.68 -14.04
N ASP A 841 -0.74 25.46 -12.72
CA ASP A 841 -0.34 24.15 -12.18
C ASP A 841 -1.28 22.96 -12.48
N PRO A 842 -2.58 23.05 -12.15
CA PRO A 842 -3.46 21.89 -12.38
C PRO A 842 -3.47 21.43 -13.84
N GLN A 843 -3.37 22.38 -14.76
CA GLN A 843 -3.25 22.04 -16.17
C GLN A 843 -1.85 21.53 -16.50
N ALA A 844 -0.86 21.99 -15.73
CA ALA A 844 0.53 21.55 -15.92
C ALA A 844 0.77 20.14 -15.39
N LEU A 845 0.11 19.79 -14.28
CA LEU A 845 0.22 18.44 -13.72
C LEU A 845 -0.45 17.40 -14.62
N ALA A 846 -1.61 17.74 -15.17
CA ALA A 846 -2.31 16.84 -16.10
C ALA A 846 -1.46 16.56 -17.35
N LYS A 847 -0.83 17.60 -17.88
CA LYS A 847 0.05 17.45 -19.05
C LYS A 847 1.28 16.59 -18.76
N ALA A 848 1.87 16.75 -17.58
CA ALA A 848 3.09 16.02 -17.24
C ALA A 848 2.85 14.51 -17.27
N VAL A 849 1.59 14.15 -17.10
CA VAL A 849 1.21 12.77 -16.89
C VAL A 849 0.71 12.16 -18.21
N GLN A 850 0.53 13.00 -19.22
CA GLN A 850 0.06 12.53 -20.52
C GLN A 850 1.22 12.02 -21.39
N VAL A 851 1.16 10.74 -21.75
CA VAL A 851 2.26 10.15 -22.50
C VAL A 851 2.13 10.34 -24.02
N HIS A 852 3.27 10.44 -24.69
CA HIS A 852 3.34 10.73 -26.11
C HIS A 852 2.49 9.77 -26.93
N GLN A 853 1.94 10.27 -28.03
CA GLN A 853 1.06 9.48 -28.87
C GLN A 853 1.75 8.21 -29.38
N ASP A 854 3.07 8.28 -29.57
CA ASP A 854 3.83 7.13 -30.08
C ASP A 854 4.06 6.00 -29.06
N THR A 855 3.78 6.24 -27.79
CA THR A 855 3.95 5.20 -26.78
C THR A 855 2.65 4.96 -26.03
N LEU A 856 1.71 5.87 -26.24
CA LEU A 856 0.41 5.83 -25.58
C LEU A 856 -0.30 4.49 -25.72
N ARG A 857 -0.14 3.85 -26.87
CA ARG A 857 -0.81 2.57 -27.16
C ARG A 857 0.09 1.36 -26.91
N THR A 858 1.23 1.58 -26.27
CA THR A 858 2.18 0.50 -26.03
C THR A 858 2.17 0.15 -24.54
N MET A 859 2.86 -0.92 -24.17
CA MET A 859 3.00 -1.27 -22.77
C MET A 859 4.30 -0.66 -22.22
N TYR A 860 4.37 0.66 -22.20
CA TYR A 860 5.56 1.39 -21.75
C TYR A 860 5.83 1.16 -20.26
N PHE A 861 4.80 0.68 -19.55
CA PHE A 861 4.86 0.51 -18.11
C PHE A 861 5.38 -0.87 -17.68
N ALA A 862 5.56 -1.77 -18.62
CA ALA A 862 6.16 -3.05 -18.29
C ALA A 862 7.59 -2.91 -17.75
#